data_6KS9
#
_entry.id   6KS9
#
_cell.length_a   97.692
_cell.length_b   205.245
_cell.length_c   73.936
_cell.angle_alpha   90.000
_cell.angle_beta   90.000
_cell.angle_gamma   90.000
#
_symmetry.space_group_name_H-M   'P 21 21 2'
#
loop_
_entity.id
_entity.type
_entity.pdbx_description
1 polymer 'Acyl-CoA dehydrogenase'
2 non-polymer 'FLAVIN-ADENINE DINUCLEOTIDE'
3 non-polymer 'SULFATE ION'
4 water water
#
_entity_poly.entity_id   1
_entity_poly.type   'polypeptide(L)'
_entity_poly.pdbx_seq_one_letter_code
;MSHYKSNVRDQVFNLFEVFGVDKVLGADKFSDLDADTAREMLTEIARLAEGPIAESFVEGDRNPPVFDPETHTVTLPEGF
KKSMRALFDGGWDKVGLAEHLGGIPMPRALQWALIEHILGANPAAYMYAMGPGMSEIFYNNGTDEQKKWATIAAERGWGA
TMVLTEPDAGSDVGAGRTKAVQQPDGTWHIEGVKRFITSADSDDLFENIMHLVLARPEGAGPGTKGLSLFFVPKFHFDHE
TGEIGERNGVFVTNVEHKMGLKVSATCELSLGQHGIPAVGWLVGEVHNGIAQMFDVIEQARMMVGTKAIATLSTGYLNAL
EYAKERVQGADMTQMTDKTAPRVTITHHPDVRRSLMTQKAYAEGLRAIYLYTATFQDAEVAQAVHGVDGDLAARVNDLLL
PIVKGFGSETAYAKLTESLQTLGGSGFLQDYPIEQYIRDSKIDSLYAGTTAIQAQDFFFRKIIRDKGQALAYVAGEIEQF
IKNENGNGRLKTERELLATALADVQGMAASLTGYLMAAQEDAASIYKVGLGSVRFLMAVGDLLSGWLLARQAAVAIEKLD
AGATGADKSFYEGKIAAASFFAKNMLPLLTSTRQIIENLDNDVMELDEAAF
;
_entity_poly.pdbx_strand_id   A,B
#
loop_
_chem_comp.id
_chem_comp.type
_chem_comp.name
_chem_comp.formula
FAD non-polymer 'FLAVIN-ADENINE DINUCLEOTIDE' 'C27 H33 N9 O15 P2'
SO4 non-polymer 'SULFATE ION' 'O4 S -2'
#
# COMPACT_ATOMS: atom_id res chain seq x y z
N MET A 1 22.06 -14.53 -6.56
CA MET A 1 21.70 -15.11 -5.23
C MET A 1 20.19 -15.19 -5.08
N SER A 2 19.68 -14.99 -3.87
CA SER A 2 18.26 -15.13 -3.58
C SER A 2 17.59 -13.76 -3.57
N HIS A 3 16.29 -13.77 -3.27
CA HIS A 3 15.57 -12.51 -3.10
C HIS A 3 16.08 -11.73 -1.90
N TYR A 4 16.56 -12.40 -0.86
CA TYR A 4 16.82 -11.75 0.41
C TYR A 4 18.20 -11.10 0.41
N LYS A 5 18.23 -9.80 0.69
CA LYS A 5 19.46 -9.05 0.81
C LYS A 5 19.57 -8.52 2.23
N SER A 6 20.59 -8.98 2.95
CA SER A 6 20.77 -8.70 4.37
C SER A 6 21.60 -7.45 4.58
N ASN A 7 21.70 -7.03 5.85
CA ASN A 7 22.51 -5.88 6.20
C ASN A 7 23.13 -6.07 7.58
N VAL A 8 24.02 -7.07 7.69
CA VAL A 8 24.75 -7.27 8.94
C VAL A 8 25.55 -6.04 9.30
N ARG A 9 26.10 -5.35 8.30
CA ARG A 9 26.93 -4.17 8.56
C ARG A 9 26.17 -3.14 9.38
N ASP A 10 24.92 -2.83 8.99
CA ASP A 10 24.14 -1.86 9.75
C ASP A 10 23.79 -2.39 11.13
N GLN A 11 23.54 -3.70 11.25
CA GLN A 11 23.24 -4.28 12.54
C GLN A 11 24.42 -4.12 13.50
N VAL A 12 25.62 -4.49 13.04
CA VAL A 12 26.80 -4.41 13.89
C VAL A 12 27.10 -2.95 14.26
N PHE A 13 26.94 -2.05 13.29
CA PHE A 13 27.13 -0.63 13.57
C PHE A 13 26.23 -0.18 14.71
N ASN A 14 24.94 -0.52 14.65
CA ASN A 14 24.04 -0.17 15.74
C ASN A 14 24.47 -0.83 17.04
N LEU A 15 24.70 -2.15 17.02
CA LEU A 15 24.93 -2.90 18.24
C LEU A 15 26.19 -2.43 18.96
N PHE A 16 27.24 -2.12 18.21
CA PHE A 16 28.56 -1.86 18.78
C PHE A 16 28.97 -0.40 18.72
N GLU A 17 28.83 0.24 17.55
CA GLU A 17 29.32 1.61 17.41
C GLU A 17 28.34 2.65 17.95
N VAL A 18 27.04 2.31 18.05
CA VAL A 18 26.05 3.28 18.48
C VAL A 18 25.64 3.01 19.92
N PHE A 19 25.14 1.80 20.18
CA PHE A 19 24.59 1.47 21.50
C PHE A 19 25.60 0.83 22.43
N GLY A 20 26.67 0.24 21.90
CA GLY A 20 27.70 -0.34 22.74
C GLY A 20 27.26 -1.58 23.48
N VAL A 21 26.49 -2.45 22.84
CA VAL A 21 26.05 -3.68 23.49
C VAL A 21 27.24 -4.61 23.76
N ASP A 22 28.35 -4.44 23.05
CA ASP A 22 29.54 -5.26 23.32
C ASP A 22 30.05 -5.05 24.74
N LYS A 23 29.68 -3.95 25.41
CA LYS A 23 30.14 -3.72 26.78
C LYS A 23 29.75 -4.87 27.70
N VAL A 24 28.59 -5.49 27.46
CA VAL A 24 28.14 -6.58 28.33
C VAL A 24 28.59 -7.94 27.85
N LEU A 25 29.20 -8.05 26.68
CA LEU A 25 29.61 -9.34 26.14
C LEU A 25 30.90 -9.80 26.82
N GLY A 26 30.92 -11.04 27.27
CA GLY A 26 32.02 -11.57 28.06
C GLY A 26 31.87 -11.41 29.56
N ALA A 27 30.69 -10.99 30.03
CA ALA A 27 30.50 -10.69 31.44
C ALA A 27 29.17 -11.24 31.93
N ASP A 28 29.19 -11.82 33.13
CA ASP A 28 27.98 -12.27 33.85
C ASP A 28 27.20 -13.22 32.94
N LYS A 29 25.90 -13.00 32.74
CA LYS A 29 25.08 -13.95 31.98
C LYS A 29 25.69 -14.27 30.62
N PHE A 30 26.36 -13.30 30.00
CA PHE A 30 26.94 -13.44 28.68
C PHE A 30 28.43 -13.78 28.72
N SER A 31 28.89 -14.31 29.85
CA SER A 31 30.31 -14.64 30.07
C SER A 31 30.92 -15.38 28.89
N ASP A 32 30.17 -16.27 28.25
CA ASP A 32 30.71 -17.17 27.24
C ASP A 32 30.50 -16.67 25.81
N LEU A 33 30.00 -15.45 25.63
CA LEU A 33 29.74 -14.90 24.30
C LEU A 33 30.47 -13.56 24.17
N ASP A 34 31.46 -13.51 23.29
CA ASP A 34 32.23 -12.31 23.07
C ASP A 34 31.81 -11.64 21.76
N ALA A 35 32.37 -10.45 21.52
CA ALA A 35 31.95 -9.63 20.38
C ALA A 35 32.23 -10.34 19.06
N ASP A 36 33.43 -10.92 18.91
CA ASP A 36 33.77 -11.59 17.66
C ASP A 36 32.78 -12.72 17.36
N THR A 37 32.39 -13.48 18.38
CA THR A 37 31.46 -14.59 18.17
C THR A 37 30.08 -14.08 17.81
N ALA A 38 29.63 -12.99 18.46
CA ALA A 38 28.34 -12.41 18.12
C ALA A 38 28.30 -12.00 16.65
N ARG A 39 29.35 -11.33 16.18
CA ARG A 39 29.39 -10.90 14.78
C ARG A 39 29.41 -12.10 13.83
N GLU A 40 30.16 -13.15 14.19
CA GLU A 40 30.17 -14.35 13.38
C GLU A 40 28.79 -15.00 13.35
N MET A 41 28.09 -15.01 14.48
CA MET A 41 26.74 -15.53 14.51
C MET A 41 25.82 -14.77 13.55
N LEU A 42 25.91 -13.44 13.56
CA LEU A 42 25.08 -12.64 12.68
C LEU A 42 25.38 -12.96 11.22
N THR A 43 26.67 -12.99 10.88
CA THR A 43 27.07 -13.32 9.52
C THR A 43 26.58 -14.70 9.13
N GLU A 44 26.69 -15.68 10.04
CA GLU A 44 26.30 -17.04 9.70
C GLU A 44 24.79 -17.16 9.49
N ILE A 45 23.97 -16.54 10.35
CA ILE A 45 22.54 -16.67 10.14
C ILE A 45 22.10 -15.84 8.93
N ALA A 46 22.78 -14.73 8.65
CA ALA A 46 22.48 -13.98 7.43
C ALA A 46 22.71 -14.85 6.21
N ARG A 47 23.75 -15.68 6.23
CA ARG A 47 24.03 -16.59 5.12
C ARG A 47 22.97 -17.69 5.04
N LEU A 48 22.58 -18.24 6.20
CA LEU A 48 21.48 -19.20 6.23
C LEU A 48 20.21 -18.58 5.65
N ALA A 49 19.91 -17.34 6.03
CA ALA A 49 18.71 -16.69 5.54
C ALA A 49 18.78 -16.48 4.03
N GLU A 50 19.91 -15.95 3.55
CA GLU A 50 20.04 -15.70 2.12
C GLU A 50 20.05 -16.99 1.31
N GLY A 51 20.46 -18.10 1.93
CA GLY A 51 20.57 -19.36 1.24
C GLY A 51 19.32 -20.21 1.38
N PRO A 52 19.37 -21.23 2.25
CA PRO A 52 18.26 -22.20 2.29
C PRO A 52 16.93 -21.62 2.74
N ILE A 53 16.92 -20.62 3.62
CA ILE A 53 15.65 -20.07 4.08
C ILE A 53 14.96 -19.32 2.96
N ALA A 54 15.67 -18.37 2.33
CA ALA A 54 15.09 -17.61 1.23
C ALA A 54 14.76 -18.48 0.03
N GLU A 55 15.38 -19.66 -0.08
CA GLU A 55 15.22 -20.49 -1.27
C GLU A 55 13.75 -20.83 -1.52
N SER A 56 12.93 -20.94 -0.46
CA SER A 56 11.54 -21.35 -0.61
C SER A 56 10.56 -20.20 -0.42
N PHE A 57 11.05 -18.96 -0.41
CA PHE A 57 10.17 -17.80 -0.23
C PHE A 57 9.10 -17.74 -1.32
N VAL A 58 9.51 -17.90 -2.58
CA VAL A 58 8.57 -17.89 -3.69
C VAL A 58 7.68 -19.13 -3.66
N GLU A 59 8.30 -20.30 -3.47
CA GLU A 59 7.55 -21.56 -3.48
C GLU A 59 6.39 -21.52 -2.50
N GLY A 60 6.65 -21.05 -1.28
CA GLY A 60 5.61 -21.04 -0.25
C GLY A 60 4.42 -20.18 -0.64
N ASP A 61 4.65 -19.14 -1.46
CA ASP A 61 3.57 -18.28 -1.91
C ASP A 61 2.87 -18.85 -3.14
N ARG A 62 3.63 -19.44 -4.08
CA ARG A 62 3.05 -19.94 -5.31
C ARG A 62 2.45 -21.33 -5.16
N ASN A 63 2.91 -22.12 -4.19
CA ASN A 63 2.40 -23.46 -3.93
C ASN A 63 1.96 -23.53 -2.48
N PRO A 64 0.88 -22.82 -2.13
CA PRO A 64 0.57 -22.58 -0.72
C PRO A 64 0.04 -23.82 -0.02
N PRO A 65 -0.05 -23.77 1.32
CA PRO A 65 -0.51 -24.94 2.08
C PRO A 65 -1.92 -25.36 1.70
N VAL A 66 -2.20 -26.65 1.90
CA VAL A 66 -3.50 -27.24 1.57
C VAL A 66 -4.08 -27.87 2.83
N PHE A 67 -5.34 -27.58 3.11
CA PHE A 67 -6.07 -28.25 4.18
C PHE A 67 -6.65 -29.56 3.68
N ASP A 68 -6.40 -30.64 4.42
CA ASP A 68 -6.93 -31.95 4.09
C ASP A 68 -8.09 -32.27 5.03
N PRO A 69 -9.36 -32.16 4.59
CA PRO A 69 -10.48 -32.48 5.51
C PRO A 69 -10.56 -33.94 5.88
N GLU A 70 -9.88 -34.82 5.14
CA GLU A 70 -9.92 -36.25 5.45
C GLU A 70 -9.12 -36.59 6.70
N THR A 71 -8.19 -35.73 7.10
CA THR A 71 -7.36 -35.96 8.28
C THR A 71 -7.31 -34.77 9.22
N HIS A 72 -7.92 -33.64 8.86
CA HIS A 72 -7.84 -32.42 9.65
C HIS A 72 -6.39 -32.03 9.91
N THR A 73 -5.60 -32.04 8.85
CA THR A 73 -4.21 -31.58 8.88
C THR A 73 -3.97 -30.62 7.73
N VAL A 74 -2.84 -29.92 7.80
CA VAL A 74 -2.39 -29.02 6.74
C VAL A 74 -1.11 -29.59 6.14
N THR A 75 -1.03 -29.60 4.81
CA THR A 75 0.17 -30.02 4.10
C THR A 75 0.92 -28.77 3.63
N LEU A 76 2.25 -28.79 3.82
CA LEU A 76 3.12 -27.69 3.43
C LEU A 76 3.97 -28.09 2.23
N PRO A 77 4.36 -27.13 1.38
CA PRO A 77 5.22 -27.47 0.24
C PRO A 77 6.58 -27.99 0.69
N GLU A 78 7.08 -28.99 -0.04
CA GLU A 78 8.31 -29.67 0.35
C GLU A 78 9.49 -28.70 0.48
N GLY A 79 9.61 -27.77 -0.46
CA GLY A 79 10.73 -26.83 -0.42
C GLY A 79 10.75 -26.02 0.85
N PHE A 80 9.58 -25.64 1.36
CA PHE A 80 9.55 -24.88 2.61
C PHE A 80 9.92 -25.74 3.80
N LYS A 81 9.50 -27.00 3.80
CA LYS A 81 9.89 -27.90 4.89
C LYS A 81 11.39 -28.15 4.87
N LYS A 82 12.01 -28.14 3.67
CA LYS A 82 13.47 -28.21 3.60
C LYS A 82 14.10 -26.99 4.26
N SER A 83 13.54 -25.80 4.04
CA SER A 83 14.02 -24.60 4.71
C SER A 83 13.89 -24.72 6.22
N MET A 84 12.75 -25.22 6.70
CA MET A 84 12.58 -25.40 8.14
C MET A 84 13.63 -26.34 8.71
N ARG A 85 13.95 -27.41 8.00
CA ARG A 85 14.96 -28.35 8.48
C ARG A 85 16.33 -27.69 8.58
N ALA A 86 16.65 -26.81 7.62
CA ALA A 86 17.90 -26.06 7.70
C ALA A 86 17.93 -25.19 8.94
N LEU A 87 16.78 -24.62 9.31
CA LEU A 87 16.71 -23.78 10.50
C LEU A 87 16.96 -24.59 11.76
N PHE A 88 16.23 -25.71 11.93
CA PHE A 88 16.40 -26.53 13.12
C PHE A 88 17.80 -27.16 13.16
N ASP A 89 18.25 -27.71 12.02
CA ASP A 89 19.53 -28.40 11.99
C ASP A 89 20.66 -27.49 12.41
N GLY A 90 20.51 -26.19 12.23
CA GLY A 90 21.51 -25.22 12.66
C GLY A 90 21.37 -24.78 14.10
N GLY A 91 20.35 -25.26 14.80
CA GLY A 91 20.14 -24.87 16.18
C GLY A 91 19.67 -23.44 16.36
N TRP A 92 18.98 -22.90 15.35
CA TRP A 92 18.57 -21.50 15.37
C TRP A 92 17.22 -21.27 16.05
N ASP A 93 16.41 -22.30 16.22
CA ASP A 93 15.16 -22.14 16.96
C ASP A 93 15.38 -22.06 18.46
N LYS A 94 16.63 -22.03 18.90
CA LYS A 94 17.00 -21.88 20.30
C LYS A 94 17.89 -20.66 20.47
N VAL A 95 17.60 -19.62 19.68
CA VAL A 95 18.31 -18.34 19.74
C VAL A 95 17.73 -17.52 20.90
N GLY A 96 18.59 -17.18 21.86
CA GLY A 96 18.13 -16.49 23.05
C GLY A 96 17.37 -17.34 24.03
N LEU A 97 17.18 -18.63 23.75
CA LEU A 97 16.49 -19.52 24.67
C LEU A 97 17.30 -19.67 25.95
N ALA A 98 16.59 -19.89 27.06
CA ALA A 98 17.26 -20.08 28.34
C ALA A 98 18.25 -21.24 28.26
N GLU A 99 19.39 -21.07 28.93
CA GLU A 99 20.45 -22.05 28.87
C GLU A 99 19.97 -23.43 29.34
N HIS A 100 19.08 -23.47 30.34
CA HIS A 100 18.63 -24.75 30.87
C HIS A 100 17.71 -25.48 29.89
N LEU A 101 17.20 -24.80 28.88
CA LEU A 101 16.45 -25.43 27.80
C LEU A 101 17.33 -25.72 26.59
N GLY A 102 18.64 -25.56 26.72
CA GLY A 102 19.57 -25.81 25.63
C GLY A 102 19.98 -24.60 24.83
N GLY A 103 19.68 -23.38 25.31
CA GLY A 103 19.92 -22.19 24.53
C GLY A 103 21.28 -21.56 24.77
N ILE A 104 21.58 -20.54 23.97
CA ILE A 104 22.81 -19.78 24.06
C ILE A 104 22.46 -18.42 24.66
N PRO A 105 22.89 -18.12 25.90
CA PRO A 105 22.60 -16.80 26.48
C PRO A 105 23.17 -15.67 25.64
N MET A 106 22.38 -14.62 25.47
CA MET A 106 22.80 -13.48 24.66
C MET A 106 21.86 -12.30 24.95
N PRO A 107 22.33 -11.09 24.70
CA PRO A 107 21.43 -9.93 24.85
C PRO A 107 20.26 -10.01 23.87
N ARG A 108 19.09 -9.55 24.32
CA ARG A 108 17.92 -9.53 23.46
C ARG A 108 18.19 -8.73 22.18
N ALA A 109 19.02 -7.69 22.26
CA ALA A 109 19.34 -6.90 21.08
C ALA A 109 20.07 -7.73 20.04
N LEU A 110 20.93 -8.65 20.47
CA LEU A 110 21.57 -9.56 19.54
C LEU A 110 20.58 -10.60 19.02
N GLN A 111 19.71 -11.10 19.90
CA GLN A 111 18.74 -12.12 19.52
C GLN A 111 17.84 -11.63 18.39
N TRP A 112 17.34 -10.39 18.50
CA TRP A 112 16.42 -9.87 17.49
C TRP A 112 17.14 -9.51 16.21
N ALA A 113 18.41 -9.08 16.30
CA ALA A 113 19.20 -8.87 15.09
C ALA A 113 19.37 -10.18 14.33
N LEU A 114 19.55 -11.29 15.05
CA LEU A 114 19.63 -12.60 14.40
C LEU A 114 18.30 -12.98 13.77
N ILE A 115 17.21 -12.80 14.50
CA ILE A 115 15.89 -13.18 14.00
C ILE A 115 15.50 -12.34 12.79
N GLU A 116 15.98 -11.09 12.72
CA GLU A 116 15.65 -10.24 11.58
C GLU A 116 15.93 -10.92 10.25
N HIS A 117 17.02 -11.69 10.19
CA HIS A 117 17.42 -12.29 8.92
C HIS A 117 16.43 -13.37 8.48
N ILE A 118 15.91 -14.16 9.43
CA ILE A 118 14.89 -15.14 9.09
C ILE A 118 13.59 -14.44 8.69
N LEU A 119 13.25 -13.35 9.38
CA LEU A 119 12.03 -12.63 9.05
C LEU A 119 12.12 -11.95 7.68
N GLY A 120 13.33 -11.53 7.28
CA GLY A 120 13.48 -10.95 5.96
C GLY A 120 13.49 -11.97 4.85
N ALA A 121 14.00 -13.18 5.11
CA ALA A 121 14.17 -14.20 4.10
C ALA A 121 12.91 -15.04 3.88
N ASN A 122 12.17 -15.34 4.95
CA ASN A 122 10.99 -16.19 4.89
C ASN A 122 10.31 -16.12 6.25
N PRO A 123 9.56 -15.04 6.53
CA PRO A 123 9.12 -14.80 7.91
C PRO A 123 8.27 -15.93 8.49
N ALA A 124 7.50 -16.64 7.68
CA ALA A 124 6.71 -17.74 8.21
C ALA A 124 7.61 -18.81 8.82
N ALA A 125 8.84 -18.93 8.34
CA ALA A 125 9.76 -19.93 8.88
C ALA A 125 10.08 -19.65 10.34
N TYR A 126 10.25 -18.39 10.71
CA TYR A 126 10.45 -18.07 12.12
C TYR A 126 9.18 -18.35 12.93
N MET A 127 8.02 -18.01 12.38
CA MET A 127 6.77 -18.21 13.12
C MET A 127 6.57 -19.68 13.45
N TYR A 128 6.80 -20.57 12.50
CA TYR A 128 6.74 -21.99 12.79
C TYR A 128 7.79 -22.42 13.82
N ALA A 129 8.86 -21.64 13.97
CA ALA A 129 9.97 -22.00 14.86
C ALA A 129 9.86 -21.34 16.23
N MET A 130 8.73 -20.70 16.53
CA MET A 130 8.54 -20.01 17.80
C MET A 130 8.19 -20.97 18.94
N GLY A 131 8.19 -22.27 18.70
CA GLY A 131 7.80 -23.25 19.69
C GLY A 131 8.63 -23.21 20.95
N PRO A 132 9.94 -23.46 20.83
CA PRO A 132 10.80 -23.44 22.04
C PRO A 132 10.68 -22.16 22.84
N GLY A 133 10.61 -21.01 22.17
CA GLY A 133 10.45 -19.76 22.89
C GLY A 133 9.14 -19.69 23.66
N MET A 134 8.08 -20.26 23.10
CA MET A 134 6.81 -20.29 23.80
C MET A 134 6.80 -21.37 24.89
N SER A 135 7.58 -22.44 24.70
CA SER A 135 7.77 -23.41 25.78
C SER A 135 8.45 -22.78 26.97
N GLU A 136 9.41 -21.87 26.73
CA GLU A 136 10.06 -21.17 27.83
C GLU A 136 9.06 -20.33 28.61
N ILE A 137 8.15 -19.64 27.90
CA ILE A 137 7.13 -18.85 28.58
C ILE A 137 6.24 -19.76 29.43
N PHE A 138 5.88 -20.93 28.89
CA PHE A 138 5.13 -21.91 29.67
C PHE A 138 5.93 -22.33 30.90
N TYR A 139 7.23 -22.62 30.72
CA TYR A 139 8.10 -22.96 31.84
C TYR A 139 8.05 -21.89 32.92
N ASN A 140 8.24 -20.62 32.54
CA ASN A 140 8.34 -19.55 33.53
C ASN A 140 7.04 -19.40 34.31
N ASN A 141 5.90 -19.62 33.68
CA ASN A 141 4.62 -19.46 34.33
C ASN A 141 4.07 -20.76 34.92
N GLY A 142 4.79 -21.87 34.74
CA GLY A 142 4.24 -23.17 35.10
C GLY A 142 4.58 -23.61 36.51
N THR A 143 3.85 -24.63 36.96
CA THR A 143 4.20 -25.32 38.19
C THR A 143 5.50 -26.09 37.99
N ASP A 144 6.04 -26.61 39.10
CA ASP A 144 7.26 -27.41 39.02
C ASP A 144 7.04 -28.65 38.16
N GLU A 145 5.86 -29.25 38.24
CA GLU A 145 5.56 -30.39 37.38
C GLU A 145 5.44 -29.97 35.92
N GLN A 146 4.79 -28.83 35.66
CA GLN A 146 4.63 -28.35 34.29
C GLN A 146 5.96 -27.91 33.70
N LYS A 147 6.86 -27.36 34.53
CA LYS A 147 8.19 -27.00 34.05
C LYS A 147 8.89 -28.20 33.42
N LYS A 148 8.58 -29.42 33.88
CA LYS A 148 9.19 -30.60 33.29
C LYS A 148 8.64 -30.88 31.90
N TRP A 149 7.33 -30.68 31.70
CA TRP A 149 6.76 -30.86 30.36
C TRP A 149 7.31 -29.79 29.41
N ALA A 150 7.34 -28.53 29.87
CA ALA A 150 7.89 -27.46 29.06
C ALA A 150 9.30 -27.77 28.61
N THR A 151 10.12 -28.33 29.53
CA THR A 151 11.48 -28.71 29.16
C THR A 151 11.47 -29.77 28.07
N ILE A 152 10.54 -30.72 28.15
CA ILE A 152 10.40 -31.71 27.09
C ILE A 152 10.02 -31.04 25.77
N ALA A 153 9.01 -30.15 25.82
CA ALA A 153 8.56 -29.48 24.62
C ALA A 153 9.68 -28.70 23.96
N ALA A 154 10.45 -27.95 24.76
CA ALA A 154 11.56 -27.18 24.21
C ALA A 154 12.63 -28.08 23.62
N GLU A 155 13.03 -29.12 24.37
CA GLU A 155 14.12 -29.99 23.93
C GLU A 155 13.75 -30.73 22.66
N ARG A 156 12.50 -31.18 22.56
CA ARG A 156 12.05 -31.89 21.36
C ARG A 156 11.64 -30.94 20.25
N GLY A 157 11.62 -29.64 20.50
CA GLY A 157 11.33 -28.68 19.44
C GLY A 157 9.89 -28.69 18.96
N TRP A 158 8.94 -28.93 19.87
CA TRP A 158 7.54 -28.92 19.49
C TRP A 158 7.13 -27.56 18.97
N GLY A 159 6.20 -27.55 18.03
CA GLY A 159 5.57 -26.31 17.62
C GLY A 159 4.69 -25.77 18.73
N ALA A 160 4.21 -24.54 18.54
CA ALA A 160 3.33 -23.93 19.52
C ALA A 160 2.45 -22.89 18.83
N THR A 161 1.33 -22.58 19.47
CA THR A 161 0.39 -21.58 19.00
C THR A 161 -0.04 -20.69 20.15
N MET A 162 -0.56 -19.52 19.79
CA MET A 162 -1.24 -18.63 20.71
C MET A 162 -2.71 -18.57 20.29
N VAL A 163 -3.60 -18.99 21.18
CA VAL A 163 -5.00 -19.19 20.85
C VAL A 163 -5.81 -18.20 21.69
N LEU A 164 -6.18 -17.07 21.07
CA LEU A 164 -7.07 -16.07 21.67
C LEU A 164 -8.32 -15.84 20.84
N THR A 165 -8.14 -15.59 19.54
CA THR A 165 -9.16 -14.97 18.70
C THR A 165 -10.33 -15.91 18.44
N GLU A 166 -11.53 -15.35 18.40
CA GLU A 166 -12.75 -16.04 18.01
C GLU A 166 -13.47 -15.23 16.95
N PRO A 167 -14.51 -15.79 16.33
CA PRO A 167 -15.24 -15.02 15.31
C PRO A 167 -15.76 -13.67 15.79
N ASP A 168 -16.23 -13.56 17.03
CA ASP A 168 -16.73 -12.31 17.57
C ASP A 168 -15.80 -11.68 18.59
N ALA A 169 -14.58 -12.20 18.74
CA ALA A 169 -13.63 -11.68 19.73
C ALA A 169 -12.24 -11.63 19.09
N GLY A 170 -11.94 -10.51 18.42
CA GLY A 170 -10.60 -10.25 17.95
C GLY A 170 -9.90 -9.21 18.80
N SER A 171 -10.09 -7.93 18.44
CA SER A 171 -9.56 -6.85 19.26
C SER A 171 -10.08 -6.94 20.68
N ASP A 172 -11.34 -7.34 20.84
CA ASP A 172 -11.98 -7.45 22.16
C ASP A 172 -11.76 -8.87 22.68
N VAL A 173 -10.57 -9.07 23.27
CA VAL A 173 -10.20 -10.39 23.78
C VAL A 173 -11.19 -10.85 24.84
N GLY A 174 -11.68 -9.91 25.66
CA GLY A 174 -12.53 -10.26 26.79
C GLY A 174 -13.91 -10.74 26.44
N ALA A 175 -14.31 -10.68 25.17
CA ALA A 175 -15.61 -11.13 24.75
C ALA A 175 -15.62 -12.59 24.29
N GLY A 176 -14.54 -13.33 24.53
CA GLY A 176 -14.47 -14.70 24.07
C GLY A 176 -15.42 -15.61 24.82
N ARG A 177 -15.91 -16.63 24.11
CA ARG A 177 -16.88 -17.57 24.66
C ARG A 177 -16.35 -18.99 24.81
N THR A 178 -15.10 -19.24 24.43
CA THR A 178 -14.49 -20.55 24.65
C THR A 178 -14.46 -20.86 26.15
N LYS A 179 -14.89 -22.06 26.51
CA LYS A 179 -15.15 -22.41 27.91
C LYS A 179 -14.22 -23.54 28.36
N ALA A 180 -13.94 -23.56 29.66
CA ALA A 180 -13.12 -24.59 30.29
C ALA A 180 -13.91 -25.21 31.43
N VAL A 181 -14.00 -26.54 31.43
CA VAL A 181 -14.75 -27.29 32.43
C VAL A 181 -13.77 -28.20 33.18
N GLN A 182 -13.60 -27.96 34.47
CA GLN A 182 -12.69 -28.77 35.26
C GLN A 182 -13.23 -30.19 35.41
N GLN A 183 -12.34 -31.15 35.31
CA GLN A 183 -12.67 -32.55 35.44
C GLN A 183 -12.31 -33.06 36.83
N PRO A 184 -12.84 -34.22 37.22
CA PRO A 184 -12.50 -34.75 38.56
C PRO A 184 -11.00 -34.88 38.81
N ASP A 185 -10.22 -35.23 37.79
CA ASP A 185 -8.79 -35.45 37.97
C ASP A 185 -7.97 -34.17 37.91
N GLY A 186 -8.61 -33.00 37.93
CA GLY A 186 -7.90 -31.75 37.93
C GLY A 186 -7.55 -31.20 36.56
N THR A 187 -7.70 -31.98 35.49
CA THR A 187 -7.57 -31.44 34.16
C THR A 187 -8.80 -30.61 33.81
N TRP A 188 -8.80 -30.04 32.61
CA TRP A 188 -9.93 -29.28 32.10
C TRP A 188 -10.25 -29.75 30.69
N HIS A 189 -11.52 -29.68 30.34
CA HIS A 189 -11.97 -29.95 28.97
C HIS A 189 -12.35 -28.62 28.34
N ILE A 190 -11.65 -28.28 27.25
CA ILE A 190 -11.82 -27.00 26.57
C ILE A 190 -12.80 -27.19 25.43
N GLU A 191 -13.77 -26.28 25.32
CA GLU A 191 -14.78 -26.34 24.28
C GLU A 191 -14.90 -24.96 23.64
N GLY A 192 -14.68 -24.89 22.33
CA GLY A 192 -14.80 -23.64 21.63
C GLY A 192 -14.21 -23.73 20.25
N VAL A 193 -14.43 -22.66 19.49
CA VAL A 193 -13.95 -22.52 18.12
C VAL A 193 -13.19 -21.21 18.03
N LYS A 194 -11.91 -21.28 17.67
CA LYS A 194 -11.04 -20.12 17.58
C LYS A 194 -10.63 -19.90 16.13
N ARG A 195 -10.38 -18.63 15.80
CA ARG A 195 -10.20 -18.17 14.44
C ARG A 195 -8.85 -17.48 14.29
N PHE A 196 -8.23 -17.63 13.11
CA PHE A 196 -7.02 -16.88 12.72
C PHE A 196 -5.78 -17.30 13.54
N ILE A 197 -5.76 -18.59 13.86
CA ILE A 197 -4.68 -19.19 14.64
C ILE A 197 -3.51 -19.53 13.71
N THR A 198 -2.38 -18.88 13.97
CA THR A 198 -1.17 -19.08 13.20
C THR A 198 -0.48 -20.38 13.59
N SER A 199 -0.04 -21.14 12.58
CA SER A 199 0.67 -22.39 12.79
C SER A 199 -0.19 -23.43 13.51
N ALA A 200 -1.52 -23.33 13.36
CA ALA A 200 -2.41 -24.23 14.09
C ALA A 200 -2.19 -25.69 13.72
N ASP A 201 -1.79 -25.95 12.47
CA ASP A 201 -1.19 -27.22 12.10
C ASP A 201 0.03 -26.92 11.23
N SER A 202 0.94 -27.89 11.17
CA SER A 202 2.23 -27.67 10.52
C SER A 202 2.70 -28.93 9.83
N ASP A 203 1.79 -29.73 9.30
CA ASP A 203 2.14 -30.92 8.52
C ASP A 203 2.98 -31.83 9.40
N ASP A 204 4.08 -32.39 8.92
CA ASP A 204 4.94 -33.26 9.71
C ASP A 204 6.22 -32.57 10.17
N LEU A 205 6.19 -31.25 10.36
CA LEU A 205 7.38 -30.53 10.82
C LEU A 205 7.77 -30.96 12.23
N PHE A 206 6.78 -31.20 13.10
CA PHE A 206 7.01 -31.47 14.52
C PHE A 206 6.27 -32.74 14.93
N GLU A 207 6.71 -33.31 16.05
CA GLU A 207 6.05 -34.48 16.62
C GLU A 207 4.85 -34.10 17.49
N ASN A 208 4.79 -32.85 17.96
CA ASN A 208 3.67 -32.37 18.75
C ASN A 208 3.57 -30.87 18.58
N ILE A 209 2.42 -30.33 18.97
CA ILE A 209 2.19 -28.89 19.01
C ILE A 209 1.64 -28.53 20.39
N MET A 210 2.18 -27.48 21.00
CA MET A 210 1.67 -26.94 22.26
C MET A 210 0.75 -25.77 21.93
N HIS A 211 -0.55 -25.94 22.15
CA HIS A 211 -1.50 -24.84 22.05
C HIS A 211 -1.65 -24.20 23.43
N LEU A 212 -1.43 -22.89 23.49
CA LEU A 212 -1.66 -22.11 24.71
C LEU A 212 -2.97 -21.35 24.51
N VAL A 213 -4.01 -21.76 25.24
CA VAL A 213 -5.38 -21.41 24.92
C VAL A 213 -5.98 -20.60 26.06
N LEU A 214 -6.45 -19.40 25.74
CA LEU A 214 -7.28 -18.63 26.66
C LEU A 214 -8.69 -19.21 26.64
N ALA A 215 -9.26 -19.44 27.82
CA ALA A 215 -10.62 -19.93 27.92
C ALA A 215 -11.21 -19.46 29.23
N ARG A 216 -12.55 -19.40 29.28
CA ARG A 216 -13.26 -18.92 30.46
C ARG A 216 -13.70 -20.11 31.29
N PRO A 217 -13.14 -20.33 32.47
CA PRO A 217 -13.68 -21.37 33.36
C PRO A 217 -15.14 -21.08 33.65
N GLU A 218 -15.95 -22.13 33.68
CA GLU A 218 -17.37 -21.94 33.93
C GLU A 218 -17.58 -21.31 35.31
N GLY A 219 -18.42 -20.29 35.37
CA GLY A 219 -18.62 -19.52 36.58
C GLY A 219 -17.72 -18.33 36.74
N ALA A 220 -16.75 -18.12 35.84
CA ALA A 220 -15.82 -17.02 35.95
C ALA A 220 -16.47 -15.72 35.49
N GLY A 221 -15.78 -14.61 35.78
CA GLY A 221 -16.27 -13.31 35.44
C GLY A 221 -16.31 -13.08 33.93
N PRO A 222 -16.72 -11.87 33.54
CA PRO A 222 -16.99 -11.61 32.12
C PRO A 222 -15.82 -11.08 31.30
N GLY A 223 -14.94 -10.29 31.92
CA GLY A 223 -13.88 -9.61 31.18
C GLY A 223 -12.71 -10.52 30.87
N THR A 224 -11.64 -9.88 30.37
CA THR A 224 -10.39 -10.60 30.17
C THR A 224 -9.86 -11.15 31.49
N LYS A 225 -10.17 -10.47 32.60
CA LYS A 225 -9.73 -10.95 33.91
C LYS A 225 -10.41 -12.25 34.31
N GLY A 226 -11.54 -12.58 33.69
CA GLY A 226 -12.16 -13.88 33.89
C GLY A 226 -11.55 -14.99 33.09
N LEU A 227 -10.53 -14.71 32.30
CA LEU A 227 -9.91 -15.72 31.44
C LEU A 227 -8.76 -16.41 32.15
N SER A 228 -8.57 -17.69 31.83
CA SER A 228 -7.44 -18.47 32.29
C SER A 228 -6.72 -19.05 31.09
N LEU A 229 -5.47 -19.44 31.28
CA LEU A 229 -4.63 -19.96 30.21
C LEU A 229 -4.37 -21.45 30.42
N PHE A 230 -4.48 -22.21 29.33
CA PHE A 230 -4.43 -23.66 29.39
C PHE A 230 -3.42 -24.22 28.40
N PHE A 231 -2.69 -25.25 28.85
CA PHE A 231 -1.74 -25.99 28.04
C PHE A 231 -2.49 -27.14 27.37
N VAL A 232 -2.66 -27.05 26.06
CA VAL A 232 -3.45 -28.00 25.29
C VAL A 232 -2.58 -28.58 24.19
N PRO A 233 -2.08 -29.81 24.36
CA PRO A 233 -1.24 -30.41 23.33
C PRO A 233 -2.05 -31.08 22.24
N LYS A 234 -1.52 -31.03 21.03
CA LYS A 234 -2.13 -31.76 19.92
C LYS A 234 -2.21 -33.25 20.22
N PHE A 235 -1.14 -33.81 20.75
CA PHE A 235 -1.11 -35.21 21.19
C PHE A 235 -0.88 -35.27 22.69
N HIS A 236 -1.60 -36.18 23.35
CA HIS A 236 -1.23 -36.56 24.70
C HIS A 236 0.17 -37.15 24.69
N PHE A 237 0.84 -37.11 25.84
CA PHE A 237 2.20 -37.61 25.94
C PHE A 237 2.52 -37.98 27.39
N ASP A 238 3.55 -38.81 27.54
CA ASP A 238 3.99 -39.22 28.87
C ASP A 238 4.71 -38.07 29.56
N HIS A 239 4.17 -37.62 30.69
CA HIS A 239 4.69 -36.42 31.34
C HIS A 239 6.11 -36.58 31.87
N GLU A 240 6.65 -37.80 31.90
CA GLU A 240 8.04 -38.01 32.31
C GLU A 240 8.97 -38.25 31.12
N THR A 241 8.57 -39.11 30.18
CA THR A 241 9.44 -39.49 29.08
C THR A 241 9.23 -38.67 27.82
N GLY A 242 8.07 -38.03 27.66
CA GLY A 242 7.77 -37.33 26.43
C GLY A 242 7.26 -38.20 25.30
N GLU A 243 7.11 -39.50 25.52
CA GLU A 243 6.60 -40.38 24.47
C GLU A 243 5.22 -39.90 24.02
N ILE A 244 5.03 -39.83 22.70
CA ILE A 244 3.79 -39.31 22.14
C ILE A 244 2.70 -40.37 22.24
N GLY A 245 1.54 -39.98 22.75
CA GLY A 245 0.43 -40.89 22.92
C GLY A 245 -0.76 -40.58 22.02
N GLU A 246 -1.96 -40.60 22.60
CA GLU A 246 -3.19 -40.50 21.83
C GLU A 246 -3.47 -39.07 21.40
N ARG A 247 -4.19 -38.93 20.29
CA ARG A 247 -4.59 -37.63 19.80
C ARG A 247 -5.48 -36.93 20.80
N ASN A 248 -5.19 -35.66 21.06
CA ASN A 248 -6.04 -34.78 21.85
C ASN A 248 -7.06 -34.09 20.95
N GLY A 249 -8.18 -33.70 21.54
CA GLY A 249 -9.33 -33.27 20.77
C GLY A 249 -9.31 -31.83 20.28
N VAL A 250 -8.23 -31.45 19.60
CA VAL A 250 -8.04 -30.08 19.13
C VAL A 250 -7.65 -30.16 17.66
N PHE A 251 -8.54 -29.73 16.77
CA PHE A 251 -8.40 -29.98 15.34
C PHE A 251 -8.57 -28.71 14.53
N VAL A 252 -7.70 -28.54 13.53
CA VAL A 252 -7.90 -27.52 12.52
C VAL A 252 -9.05 -27.95 11.61
N THR A 253 -9.89 -26.98 11.22
CA THR A 253 -11.07 -27.25 10.40
C THR A 253 -11.05 -26.54 9.06
N ASN A 254 -10.04 -25.73 8.79
CA ASN A 254 -9.93 -25.00 7.52
C ASN A 254 -8.53 -24.40 7.47
N VAL A 255 -8.22 -23.75 6.34
CA VAL A 255 -7.03 -22.92 6.20
C VAL A 255 -7.44 -21.69 5.41
N GLU A 256 -7.17 -20.51 5.96
CA GLU A 256 -7.64 -19.28 5.33
C GLU A 256 -6.82 -18.98 4.08
N HIS A 257 -7.49 -18.41 3.09
CA HIS A 257 -6.85 -17.97 1.85
C HIS A 257 -6.55 -16.48 2.00
N LYS A 258 -5.26 -16.16 2.09
CA LYS A 258 -4.79 -14.84 2.49
C LYS A 258 -4.15 -14.10 1.33
N MET A 259 -4.07 -12.77 1.48
CA MET A 259 -3.40 -11.92 0.50
C MET A 259 -1.93 -12.28 0.36
N GLY A 260 -1.30 -12.64 1.48
CA GLY A 260 0.11 -12.98 1.51
C GLY A 260 0.41 -13.76 2.77
N LEU A 261 1.71 -13.87 3.07
CA LEU A 261 2.17 -14.77 4.13
C LEU A 261 1.50 -16.13 4.00
N LYS A 262 1.37 -16.59 2.76
CA LYS A 262 0.52 -17.74 2.47
C LYS A 262 1.06 -19.03 3.10
N VAL A 263 2.38 -19.18 3.20
CA VAL A 263 2.92 -20.46 3.69
C VAL A 263 2.77 -20.61 5.19
N SER A 264 2.38 -19.56 5.89
CA SER A 264 2.01 -19.66 7.30
C SER A 264 0.54 -20.07 7.37
N ALA A 265 0.29 -21.30 7.83
CA ALA A 265 -1.08 -21.83 7.88
C ALA A 265 -1.87 -21.09 8.96
N THR A 266 -2.89 -20.36 8.52
CA THR A 266 -3.79 -19.62 9.42
C THR A 266 -5.15 -20.31 9.40
N CYS A 267 -5.54 -20.89 10.53
CA CYS A 267 -6.62 -21.86 10.55
C CYS A 267 -7.63 -21.55 11.64
N GLU A 268 -8.87 -21.97 11.38
CA GLU A 268 -9.85 -22.13 12.45
C GLU A 268 -9.50 -23.37 13.26
N LEU A 269 -9.54 -23.24 14.58
CA LEU A 269 -9.13 -24.31 15.49
C LEU A 269 -10.30 -24.62 16.41
N SER A 270 -10.77 -25.86 16.35
CA SER A 270 -11.92 -26.31 17.11
C SER A 270 -11.45 -27.20 18.25
N LEU A 271 -11.93 -26.92 19.46
CA LEU A 271 -11.55 -27.65 20.66
C LEU A 271 -12.76 -28.42 21.17
N GLY A 272 -12.64 -29.74 21.24
CA GLY A 272 -13.68 -30.57 21.80
C GLY A 272 -14.94 -30.70 20.97
N GLN A 273 -14.84 -30.48 19.67
CA GLN A 273 -16.00 -30.50 18.75
C GLN A 273 -16.03 -31.73 17.82
N HIS A 274 -15.02 -32.61 17.85
CA HIS A 274 -14.86 -33.73 16.90
C HIS A 274 -15.05 -35.09 17.56
N GLY A 275 -15.76 -35.13 18.68
CA GLY A 275 -16.12 -36.36 19.37
C GLY A 275 -15.20 -36.68 20.53
N ILE A 276 -14.02 -36.12 20.59
CA ILE A 276 -13.10 -36.46 21.68
C ILE A 276 -12.79 -35.16 22.37
N PRO A 277 -12.58 -35.06 23.85
CA PRO A 277 -12.31 -33.84 24.63
C PRO A 277 -10.94 -33.25 24.29
N ALA A 278 -10.89 -31.93 24.30
CA ALA A 278 -9.61 -31.20 24.23
C ALA A 278 -9.15 -31.00 25.67
N VAL A 279 -8.29 -31.89 26.14
CA VAL A 279 -7.80 -31.82 27.52
C VAL A 279 -6.79 -30.69 27.64
N GLY A 280 -6.98 -29.83 28.64
CA GLY A 280 -6.05 -28.77 28.92
C GLY A 280 -5.62 -28.80 30.38
N TRP A 281 -4.47 -28.18 30.63
CA TRP A 281 -3.91 -28.08 31.97
C TRP A 281 -3.78 -26.61 32.34
N LEU A 282 -4.34 -26.24 33.47
CA LEU A 282 -4.28 -24.85 33.92
C LEU A 282 -2.82 -24.44 34.15
N VAL A 283 -2.38 -23.42 33.43
CA VAL A 283 -0.98 -23.01 33.48
C VAL A 283 -0.68 -22.43 34.85
N GLY A 284 0.31 -23.00 35.53
CA GLY A 284 0.61 -22.59 36.89
C GLY A 284 -0.44 -22.96 37.90
N GLU A 285 -1.47 -23.69 37.49
CA GLU A 285 -2.60 -24.04 38.36
C GLU A 285 -3.14 -22.81 39.07
N VAL A 286 -3.15 -21.68 38.36
CA VAL A 286 -3.73 -20.43 38.84
C VAL A 286 -4.55 -19.83 37.71
N HIS A 287 -5.54 -19.01 38.09
CA HIS A 287 -6.42 -18.35 37.12
C HIS A 287 -5.90 -16.93 36.93
N ASN A 288 -5.04 -16.76 35.93
CA ASN A 288 -4.39 -15.49 35.68
C ASN A 288 -4.06 -15.39 34.19
N GLY A 289 -5.08 -15.59 33.36
CA GLY A 289 -4.84 -15.90 31.95
C GLY A 289 -4.26 -14.75 31.16
N ILE A 290 -4.95 -13.60 31.16
CA ILE A 290 -4.53 -12.50 30.30
C ILE A 290 -3.14 -12.02 30.69
N ALA A 291 -2.81 -12.07 31.98
CA ALA A 291 -1.48 -11.67 32.41
C ALA A 291 -0.42 -12.64 31.92
N GLN A 292 -0.70 -13.94 32.01
CA GLN A 292 0.23 -14.93 31.49
C GLN A 292 0.34 -14.80 29.96
N MET A 293 -0.78 -14.59 29.29
CA MET A 293 -0.76 -14.56 27.82
C MET A 293 0.01 -13.36 27.28
N PHE A 294 0.00 -12.23 27.99
CA PHE A 294 0.65 -11.04 27.46
C PHE A 294 2.17 -11.18 27.42
N ASP A 295 2.73 -12.14 28.17
CA ASP A 295 4.10 -12.54 27.92
C ASP A 295 4.28 -13.00 26.48
N VAL A 296 3.33 -13.81 25.98
CA VAL A 296 3.39 -14.26 24.60
C VAL A 296 3.07 -13.11 23.65
N ILE A 297 2.10 -12.27 24.01
CA ILE A 297 1.69 -11.19 23.12
C ILE A 297 2.82 -10.19 22.92
N GLU A 298 3.55 -9.87 23.99
CA GLU A 298 4.65 -8.92 23.87
C GLU A 298 5.71 -9.43 22.90
N GLN A 299 6.03 -10.73 23.00
CA GLN A 299 6.96 -11.35 22.07
C GLN A 299 6.44 -11.27 20.64
N ALA A 300 5.14 -11.55 20.44
CA ALA A 300 4.55 -11.50 19.11
C ALA A 300 4.58 -10.09 18.54
N ARG A 301 4.36 -9.08 19.38
CA ARG A 301 4.34 -7.70 18.90
C ARG A 301 5.75 -7.25 18.49
N MET A 302 6.76 -7.66 19.26
CA MET A 302 8.14 -7.40 18.86
C MET A 302 8.48 -8.12 17.56
N MET A 303 7.99 -9.34 17.39
CA MET A 303 8.27 -10.10 16.18
C MET A 303 7.66 -9.42 14.96
N VAL A 304 6.40 -8.98 15.07
CA VAL A 304 5.72 -8.39 13.92
C VAL A 304 6.41 -7.10 13.49
N GLY A 305 6.80 -6.27 14.45
CA GLY A 305 7.51 -5.04 14.12
C GLY A 305 8.84 -5.31 13.46
N THR A 306 9.61 -6.25 14.02
CA THR A 306 10.89 -6.61 13.41
C THR A 306 10.69 -7.22 12.04
N LYS A 307 9.63 -8.01 11.87
CA LYS A 307 9.32 -8.57 10.56
C LYS A 307 9.09 -7.47 9.52
N ALA A 308 8.24 -6.50 9.86
CA ALA A 308 7.99 -5.40 8.95
C ALA A 308 9.27 -4.67 8.60
N ILE A 309 10.12 -4.42 9.61
CA ILE A 309 11.37 -3.72 9.39
C ILE A 309 12.31 -4.53 8.51
N ALA A 310 12.41 -5.83 8.78
CA ALA A 310 13.25 -6.71 7.98
C ALA A 310 12.81 -6.72 6.51
N THR A 311 11.49 -6.71 6.30
CA THR A 311 10.97 -6.78 4.93
C THR A 311 11.22 -5.48 4.18
N LEU A 312 11.04 -4.33 4.83
CA LEU A 312 11.36 -3.06 4.19
C LEU A 312 12.84 -3.00 3.79
N SER A 313 13.71 -3.51 4.66
CA SER A 313 15.15 -3.44 4.40
C SER A 313 15.51 -4.20 3.13
N THR A 314 15.06 -5.45 3.01
CA THR A 314 15.39 -6.20 1.81
C THR A 314 14.65 -5.64 0.60
N GLY A 315 13.47 -5.04 0.80
CA GLY A 315 12.81 -4.33 -0.29
C GLY A 315 13.63 -3.16 -0.79
N TYR A 316 14.15 -2.35 0.13
CA TYR A 316 14.99 -1.22 -0.25
C TYR A 316 16.23 -1.68 -1.01
N LEU A 317 16.93 -2.70 -0.47
CA LEU A 317 18.18 -3.13 -1.08
C LEU A 317 17.95 -3.76 -2.44
N ASN A 318 16.82 -4.43 -2.64
CA ASN A 318 16.45 -4.90 -3.97
C ASN A 318 16.23 -3.73 -4.92
N ALA A 319 15.48 -2.72 -4.47
CA ALA A 319 15.25 -1.55 -5.31
C ALA A 319 16.54 -0.84 -5.65
N LEU A 320 17.43 -0.70 -4.66
CA LEU A 320 18.72 -0.03 -4.89
C LEU A 320 19.53 -0.78 -5.94
N GLU A 321 19.65 -2.11 -5.78
CA GLU A 321 20.40 -2.91 -6.76
C GLU A 321 19.82 -2.73 -8.16
N TYR A 322 18.49 -2.72 -8.27
CA TYR A 322 17.85 -2.52 -9.57
C TYR A 322 18.18 -1.14 -10.13
N ALA A 323 18.05 -0.11 -9.32
CA ALA A 323 18.27 1.26 -9.78
C ALA A 323 19.70 1.47 -10.26
N LYS A 324 20.67 0.80 -9.62
CA LYS A 324 22.07 0.98 -10.00
C LYS A 324 22.36 0.48 -11.41
N GLU A 325 21.57 -0.47 -11.91
CA GLU A 325 21.84 -1.09 -13.20
C GLU A 325 20.85 -0.73 -14.28
N ARG A 326 19.70 -0.18 -13.93
CA ARG A 326 18.68 0.18 -14.92
C ARG A 326 19.07 1.49 -15.61
N VAL A 327 19.25 1.45 -16.92
CA VAL A 327 19.54 2.63 -17.72
C VAL A 327 18.23 3.12 -18.33
N GLN A 328 17.89 4.39 -18.08
CA GLN A 328 16.67 4.96 -18.64
C GLN A 328 16.73 6.48 -18.53
N GLY A 329 16.60 7.16 -19.64
CA GLY A 329 16.54 8.61 -19.65
C GLY A 329 17.92 9.25 -19.64
N ALA A 330 17.96 10.51 -20.03
CA ALA A 330 19.15 11.34 -19.89
C ALA A 330 19.16 12.00 -18.52
N ASP A 331 20.34 12.44 -18.11
CA ASP A 331 20.44 13.26 -16.91
C ASP A 331 19.52 14.48 -17.05
N MET A 332 18.92 14.89 -15.94
CA MET A 332 17.96 15.99 -15.99
C MET A 332 18.62 17.29 -16.45
N THR A 333 19.93 17.44 -16.20
CA THR A 333 20.62 18.63 -16.72
C THR A 333 20.74 18.62 -18.23
N GLN A 334 20.37 17.53 -18.89
CA GLN A 334 20.40 17.43 -20.34
C GLN A 334 19.04 17.07 -20.92
N MET A 335 17.96 17.42 -20.20
CA MET A 335 16.61 17.17 -20.67
C MET A 335 16.42 17.62 -22.12
N THR A 336 16.88 18.84 -22.43
CA THR A 336 16.61 19.42 -23.74
C THR A 336 17.28 18.61 -24.85
N ASP A 337 18.43 18.02 -24.57
CA ASP A 337 19.23 17.35 -25.60
C ASP A 337 18.72 15.92 -25.77
N LYS A 338 18.11 15.59 -26.92
CA LYS A 338 17.65 14.21 -27.31
C LYS A 338 18.81 13.33 -27.82
N THR A 339 19.96 13.94 -28.06
CA THR A 339 21.22 13.28 -28.41
C THR A 339 22.00 12.97 -27.13
N ALA A 340 21.58 13.38 -25.93
CA ALA A 340 22.34 13.18 -24.67
C ALA A 340 22.53 11.71 -24.27
N PRO A 341 23.59 11.33 -23.55
CA PRO A 341 23.74 9.93 -23.17
C PRO A 341 22.72 9.53 -22.10
N ARG A 342 22.21 8.31 -22.19
CA ARG A 342 21.28 7.71 -21.21
C ARG A 342 22.09 7.40 -19.94
N VAL A 343 21.46 7.48 -18.77
CA VAL A 343 22.10 7.25 -17.48
C VAL A 343 21.35 6.18 -16.72
N THR A 344 22.03 5.60 -15.73
CA THR A 344 21.35 4.76 -14.75
C THR A 344 20.42 5.62 -13.90
N ILE A 345 19.32 5.03 -13.45
CA ILE A 345 18.25 5.82 -12.86
C ILE A 345 18.60 6.34 -11.47
N THR A 346 19.67 5.85 -10.83
CA THR A 346 20.12 6.51 -9.61
C THR A 346 20.51 7.96 -9.86
N HIS A 347 20.72 8.34 -11.13
CA HIS A 347 21.05 9.72 -11.46
C HIS A 347 19.84 10.65 -11.38
N HIS A 348 18.62 10.10 -11.37
CA HIS A 348 17.44 10.95 -11.45
C HIS A 348 17.02 11.42 -10.07
N PRO A 349 16.64 12.70 -9.92
CA PRO A 349 16.31 13.20 -8.57
C PRO A 349 15.20 12.45 -7.87
N ASP A 350 14.09 12.15 -8.54
CA ASP A 350 12.99 11.49 -7.85
C ASP A 350 13.39 10.10 -7.36
N VAL A 351 14.29 9.42 -8.10
CA VAL A 351 14.74 8.11 -7.67
C VAL A 351 15.62 8.21 -6.44
N ARG A 352 16.50 9.22 -6.40
CA ARG A 352 17.32 9.43 -5.22
C ARG A 352 16.46 9.87 -4.03
N ARG A 353 15.44 10.68 -4.28
CA ARG A 353 14.48 10.98 -3.22
C ARG A 353 13.87 9.69 -2.69
N SER A 354 13.38 8.83 -3.59
CA SER A 354 12.73 7.60 -3.19
C SER A 354 13.70 6.69 -2.45
N LEU A 355 14.90 6.51 -2.99
CA LEU A 355 15.87 5.62 -2.37
C LEU A 355 16.27 6.12 -0.99
N MET A 356 16.49 7.43 -0.84
CA MET A 356 16.87 7.97 0.46
C MET A 356 15.73 7.86 1.46
N THR A 357 14.48 8.00 0.99
CA THR A 357 13.33 7.80 1.87
C THR A 357 13.27 6.36 2.37
N GLN A 358 13.43 5.40 1.45
CA GLN A 358 13.48 4.00 1.85
C GLN A 358 14.63 3.75 2.81
N LYS A 359 15.82 4.26 2.48
CA LYS A 359 16.99 4.04 3.33
C LYS A 359 16.80 4.59 4.73
N ALA A 360 16.36 5.85 4.83
CA ALA A 360 16.28 6.49 6.14
C ALA A 360 15.25 5.81 7.03
N TYR A 361 14.12 5.41 6.45
CA TYR A 361 13.10 4.73 7.27
C TYR A 361 13.53 3.32 7.61
N ALA A 362 14.16 2.61 6.68
CA ALA A 362 14.61 1.25 6.97
C ALA A 362 15.67 1.25 8.07
N GLU A 363 16.64 2.16 7.97
CA GLU A 363 17.72 2.20 8.95
C GLU A 363 17.25 2.84 10.26
N GLY A 364 16.39 3.84 10.18
CA GLY A 364 15.81 4.41 11.38
C GLY A 364 14.97 3.39 12.13
N LEU A 365 14.22 2.57 11.40
CA LEU A 365 13.40 1.54 12.05
C LEU A 365 14.27 0.45 12.68
N ARG A 366 15.35 0.06 12.00
CA ARG A 366 16.26 -0.92 12.59
C ARG A 366 16.85 -0.38 13.89
N ALA A 367 17.24 0.89 13.89
CA ALA A 367 17.73 1.51 15.12
C ALA A 367 16.67 1.46 16.21
N ILE A 368 15.40 1.65 15.85
CA ILE A 368 14.35 1.71 16.87
C ILE A 368 14.19 0.36 17.56
N TYR A 369 14.12 -0.73 16.79
CA TYR A 369 13.88 -2.02 17.42
C TYR A 369 15.11 -2.51 18.18
N LEU A 370 16.31 -2.18 17.70
CA LEU A 370 17.51 -2.50 18.47
C LEU A 370 17.58 -1.66 19.75
N TYR A 371 17.32 -0.35 19.63
CA TYR A 371 17.21 0.50 20.81
C TYR A 371 16.20 -0.06 21.80
N THR A 372 14.99 -0.38 21.32
CA THR A 372 13.98 -1.00 22.16
C THR A 372 14.54 -2.25 22.86
N ALA A 373 15.28 -3.07 22.13
CA ALA A 373 15.76 -4.33 22.68
C ALA A 373 16.84 -4.13 23.74
N THR A 374 17.53 -2.98 23.74
CA THR A 374 18.52 -2.72 24.77
C THR A 374 17.89 -2.48 26.13
N PHE A 375 16.57 -2.28 26.19
CA PHE A 375 15.86 -2.14 27.46
C PHE A 375 15.20 -3.43 27.91
N GLN A 376 15.33 -4.51 27.13
CA GLN A 376 14.70 -5.79 27.45
C GLN A 376 15.59 -6.68 28.31
N ASP A 377 16.84 -6.29 28.55
CA ASP A 377 17.70 -6.93 29.53
C ASP A 377 18.08 -5.88 30.57
N ALA A 378 17.87 -6.21 31.84
CA ALA A 378 18.23 -5.29 32.91
C ALA A 378 19.70 -4.89 32.82
N GLU A 379 20.58 -5.88 32.58
CA GLU A 379 22.01 -5.60 32.61
C GLU A 379 22.46 -4.81 31.38
N VAL A 380 21.81 -5.01 30.23
CA VAL A 380 22.14 -4.20 29.06
C VAL A 380 21.68 -2.76 29.29
N ALA A 381 20.45 -2.58 29.76
CA ALA A 381 19.93 -1.24 30.02
C ALA A 381 20.83 -0.50 31.01
N GLN A 382 21.22 -1.18 32.09
CA GLN A 382 22.15 -0.60 33.05
C GLN A 382 23.48 -0.26 32.37
N ALA A 383 24.04 -1.21 31.62
CA ALA A 383 25.38 -1.04 31.07
C ALA A 383 25.43 0.08 30.04
N VAL A 384 24.45 0.15 29.15
CA VAL A 384 24.54 1.04 28.00
C VAL A 384 23.82 2.37 28.24
N HIS A 385 22.77 2.34 29.07
CA HIS A 385 21.96 3.53 29.32
C HIS A 385 22.06 4.05 30.74
N GLY A 386 22.50 3.22 31.69
CA GLY A 386 22.52 3.63 33.08
C GLY A 386 21.18 3.67 33.76
N VAL A 387 20.21 2.89 33.28
CA VAL A 387 18.85 2.90 33.82
C VAL A 387 18.61 1.60 34.58
N ASP A 388 17.97 1.74 35.74
CA ASP A 388 17.59 0.63 36.59
C ASP A 388 16.59 -0.30 35.87
N GLY A 389 16.28 -1.41 36.54
CA GLY A 389 15.39 -2.40 35.93
C GLY A 389 13.97 -1.91 35.76
N ASP A 390 13.46 -1.16 36.74
CA ASP A 390 12.07 -0.73 36.70
C ASP A 390 11.82 0.24 35.55
N LEU A 391 12.68 1.24 35.41
CA LEU A 391 12.53 2.20 34.31
C LEU A 391 12.75 1.51 32.97
N ALA A 392 13.71 0.58 32.90
CA ALA A 392 13.97 -0.12 31.65
C ALA A 392 12.72 -0.85 31.17
N ALA A 393 12.01 -1.52 32.09
CA ALA A 393 10.79 -2.22 31.72
C ALA A 393 9.72 -1.25 31.23
N ARG A 394 9.63 -0.07 31.86
CA ARG A 394 8.65 0.92 31.43
C ARG A 394 8.99 1.48 30.06
N VAL A 395 10.28 1.69 29.79
CA VAL A 395 10.69 2.24 28.50
C VAL A 395 10.49 1.21 27.40
N ASN A 396 10.81 -0.06 27.67
CA ASN A 396 10.53 -1.12 26.71
C ASN A 396 9.04 -1.21 26.42
N ASP A 397 8.21 -1.17 27.47
CA ASP A 397 6.76 -1.21 27.27
C ASP A 397 6.29 -0.01 26.47
N LEU A 398 6.92 1.15 26.66
CA LEU A 398 6.57 2.33 25.88
C LEU A 398 6.91 2.14 24.40
N LEU A 399 8.03 1.47 24.13
CA LEU A 399 8.52 1.39 22.76
C LEU A 399 7.88 0.27 21.96
N LEU A 400 7.39 -0.78 22.63
CA LEU A 400 6.81 -1.90 21.91
C LEU A 400 5.71 -1.50 20.92
N PRO A 401 4.70 -0.72 21.30
CA PRO A 401 3.69 -0.31 20.32
C PRO A 401 4.26 0.55 19.18
N ILE A 402 5.43 1.17 19.38
CA ILE A 402 6.06 1.89 18.28
C ILE A 402 6.72 0.91 17.32
N VAL A 403 7.52 -0.02 17.84
CA VAL A 403 8.10 -1.07 17.01
C VAL A 403 7.00 -1.75 16.19
N LYS A 404 5.89 -2.12 16.84
CA LYS A 404 4.83 -2.86 16.17
C LYS A 404 4.00 -1.93 15.28
N GLY A 405 3.41 -0.89 15.86
CA GLY A 405 2.48 -0.06 15.11
C GLY A 405 3.16 0.83 14.09
N PHE A 406 4.15 1.60 14.53
CA PHE A 406 4.87 2.48 13.62
C PHE A 406 5.69 1.69 12.61
N GLY A 407 6.28 0.57 13.04
CA GLY A 407 7.06 -0.24 12.13
C GLY A 407 6.22 -0.90 11.05
N SER A 408 5.09 -1.50 11.44
CA SER A 408 4.23 -2.16 10.47
C SER A 408 3.67 -1.18 9.45
N GLU A 409 3.20 -0.02 9.92
CA GLU A 409 2.62 0.97 9.02
C GLU A 409 3.67 1.58 8.10
N THR A 410 4.84 1.89 8.65
CA THR A 410 5.89 2.54 7.86
C THR A 410 6.44 1.60 6.80
N ALA A 411 6.70 0.35 7.17
CA ALA A 411 7.29 -0.61 6.24
C ALA A 411 6.40 -0.80 5.02
N TYR A 412 5.10 -1.06 5.25
CA TYR A 412 4.18 -1.26 4.14
C TYR A 412 4.11 -0.03 3.25
N ALA A 413 4.05 1.16 3.85
CA ALA A 413 3.94 2.37 3.05
C ALA A 413 5.19 2.61 2.22
N LYS A 414 6.37 2.38 2.78
CA LYS A 414 7.60 2.68 2.05
C LYS A 414 7.97 1.60 1.04
N LEU A 415 7.49 0.36 1.23
CA LEU A 415 7.64 -0.63 0.17
C LEU A 415 6.99 -0.16 -1.12
N THR A 416 6.00 0.73 -1.03
CA THR A 416 5.42 1.32 -2.22
C THR A 416 6.48 2.06 -3.04
N GLU A 417 7.40 2.74 -2.35
CA GLU A 417 8.52 3.38 -3.03
C GLU A 417 9.47 2.35 -3.63
N SER A 418 9.75 1.27 -2.89
CA SER A 418 10.62 0.21 -3.42
C SER A 418 10.07 -0.34 -4.73
N LEU A 419 8.78 -0.71 -4.75
CA LEU A 419 8.19 -1.21 -5.99
C LEU A 419 8.24 -0.15 -7.08
N GLN A 420 7.89 1.10 -6.74
CA GLN A 420 7.89 2.18 -7.73
C GLN A 420 9.27 2.33 -8.37
N THR A 421 10.33 2.11 -7.60
CA THR A 421 11.68 2.26 -8.14
C THR A 421 11.92 1.31 -9.31
N LEU A 422 11.24 0.16 -9.34
CA LEU A 422 11.41 -0.81 -10.41
C LEU A 422 10.59 -0.47 -11.65
N GLY A 423 9.77 0.57 -11.61
CA GLY A 423 8.90 0.85 -12.73
C GLY A 423 7.90 -0.26 -12.94
N GLY A 424 7.53 -0.48 -14.21
CA GLY A 424 6.56 -1.53 -14.52
C GLY A 424 6.98 -2.89 -14.03
N SER A 425 8.29 -3.18 -14.01
CA SER A 425 8.78 -4.47 -13.56
C SER A 425 8.46 -4.73 -12.09
N GLY A 426 8.27 -3.69 -11.28
CA GLY A 426 7.91 -3.89 -9.90
C GLY A 426 6.58 -4.60 -9.73
N PHE A 427 5.69 -4.46 -10.71
CA PHE A 427 4.39 -5.12 -10.68
C PHE A 427 4.48 -6.60 -11.04
N LEU A 428 5.67 -7.10 -11.40
CA LEU A 428 5.84 -8.48 -11.81
C LEU A 428 6.20 -9.36 -10.63
N GLN A 429 5.67 -10.58 -10.63
CA GLN A 429 6.10 -11.57 -9.66
C GLN A 429 7.54 -12.03 -9.88
N ASP A 430 8.15 -11.67 -11.02
CA ASP A 430 9.55 -11.99 -11.25
C ASP A 430 10.44 -11.34 -10.19
N TYR A 431 10.00 -10.21 -9.64
CA TYR A 431 10.72 -9.53 -8.57
C TYR A 431 9.99 -9.70 -7.25
N PRO A 432 10.70 -9.63 -6.11
CA PRO A 432 10.09 -10.01 -4.84
C PRO A 432 9.28 -8.91 -4.16
N ILE A 433 9.36 -7.68 -4.62
CA ILE A 433 8.70 -6.53 -3.92
C ILE A 433 7.19 -6.76 -3.80
N GLU A 434 6.54 -7.20 -4.86
CA GLU A 434 5.08 -7.40 -4.80
C GLU A 434 4.77 -8.44 -3.71
N GLN A 435 5.57 -9.50 -3.50
CA GLN A 435 5.29 -10.43 -2.41
C GLN A 435 5.60 -9.73 -1.08
N TYR A 436 6.66 -8.93 -1.00
CA TYR A 436 6.93 -8.20 0.24
C TYR A 436 5.71 -7.41 0.68
N ILE A 437 5.07 -6.72 -0.26
CA ILE A 437 3.93 -5.88 0.06
C ILE A 437 2.77 -6.74 0.57
N ARG A 438 2.49 -7.85 -0.11
CA ARG A 438 1.39 -8.71 0.31
C ARG A 438 1.68 -9.36 1.65
N ASP A 439 2.91 -9.86 1.84
CA ASP A 439 3.29 -10.46 3.12
C ASP A 439 3.26 -9.45 4.26
N SER A 440 3.49 -8.17 3.96
CA SER A 440 3.64 -7.15 4.99
C SER A 440 2.30 -6.59 5.46
N LYS A 441 1.29 -6.65 4.61
CA LYS A 441 -0.01 -6.01 4.93
C LYS A 441 -0.58 -6.55 6.25
N ILE A 442 -0.34 -7.81 6.58
CA ILE A 442 -0.86 -8.40 7.80
C ILE A 442 -0.24 -7.79 9.04
N ASP A 443 0.91 -7.13 8.91
CA ASP A 443 1.63 -6.65 10.10
C ASP A 443 0.84 -5.58 10.84
N SER A 444 -0.03 -4.86 10.16
CA SER A 444 -0.85 -3.83 10.82
C SER A 444 -2.10 -4.40 11.47
N LEU A 445 -2.32 -5.71 11.40
CA LEU A 445 -3.53 -6.35 11.88
C LEU A 445 -3.26 -7.38 12.96
N TYR A 446 -2.40 -8.36 12.71
CA TYR A 446 -1.98 -9.47 13.58
C TYR A 446 -1.43 -8.91 14.89
N ALA A 447 -1.70 -9.50 16.05
CA ALA A 447 -1.11 -9.17 17.35
C ALA A 447 -1.51 -7.77 17.80
N GLY A 448 -2.71 -7.33 17.43
CA GLY A 448 -3.20 -6.01 17.79
C GLY A 448 -3.11 -5.01 16.66
N THR A 449 -4.27 -4.53 16.18
CA THR A 449 -4.29 -3.56 15.10
C THR A 449 -3.51 -2.31 15.48
N THR A 450 -3.18 -1.52 14.46
CA THR A 450 -2.52 -0.24 14.68
C THR A 450 -3.30 0.62 15.67
N ALA A 451 -4.63 0.63 15.57
CA ALA A 451 -5.44 1.41 16.50
C ALA A 451 -5.27 0.90 17.93
N ILE A 452 -5.22 -0.42 18.11
CA ILE A 452 -5.00 -0.97 19.44
C ILE A 452 -3.61 -0.63 19.95
N GLN A 453 -2.61 -0.64 19.06
CA GLN A 453 -1.27 -0.20 19.46
C GLN A 453 -1.28 1.23 19.94
N ALA A 454 -1.98 2.11 19.22
CA ALA A 454 -2.00 3.53 19.58
C ALA A 454 -2.71 3.77 20.90
N GLN A 455 -3.78 3.00 21.17
CA GLN A 455 -4.48 3.15 22.43
C GLN A 455 -3.65 2.63 23.59
N ASP A 456 -3.03 1.47 23.42
CA ASP A 456 -2.09 0.95 24.43
C ASP A 456 -0.99 1.95 24.70
N PHE A 457 -0.40 2.50 23.64
CA PHE A 457 0.66 3.49 23.77
C PHE A 457 0.24 4.66 24.65
N PHE A 458 -0.91 5.27 24.34
CA PHE A 458 -1.29 6.48 25.06
C PHE A 458 -1.88 6.18 26.43
N PHE A 459 -2.88 5.29 26.49
CA PHE A 459 -3.59 5.06 27.75
C PHE A 459 -2.72 4.32 28.75
N ARG A 460 -2.05 3.26 28.31
CA ARG A 460 -1.33 2.39 29.23
C ARG A 460 0.13 2.78 29.40
N LYS A 461 0.82 3.09 28.31
CA LYS A 461 2.26 3.32 28.36
C LYS A 461 2.62 4.76 28.64
N ILE A 462 1.67 5.69 28.60
CA ILE A 462 1.96 7.09 28.91
C ILE A 462 1.11 7.54 30.09
N ILE A 463 -0.22 7.48 29.96
CA ILE A 463 -1.09 8.01 31.01
C ILE A 463 -0.95 7.17 32.28
N ARG A 464 -1.21 5.87 32.19
CA ARG A 464 -1.10 5.01 33.37
C ARG A 464 0.31 4.98 33.91
N ASP A 465 1.32 5.17 33.04
CA ASP A 465 2.72 5.24 33.45
C ASP A 465 3.08 6.58 34.06
N LYS A 466 2.14 7.53 34.12
CA LYS A 466 2.40 8.89 34.61
C LYS A 466 3.56 9.52 33.83
N GLY A 467 3.71 9.14 32.57
CA GLY A 467 4.65 9.80 31.67
C GLY A 467 6.10 9.61 32.00
N GLN A 468 6.46 8.61 32.81
CA GLN A 468 7.84 8.49 33.26
C GLN A 468 8.74 7.97 32.15
N ALA A 469 8.37 6.85 31.51
CA ALA A 469 9.15 6.36 30.38
C ALA A 469 9.25 7.42 29.28
N LEU A 470 8.14 8.07 28.97
CA LEU A 470 8.15 9.11 27.94
C LEU A 470 9.06 10.27 28.35
N ALA A 471 9.02 10.65 29.63
CA ALA A 471 9.88 11.73 30.10
C ALA A 471 11.35 11.35 29.97
N TYR A 472 11.69 10.09 30.28
CA TYR A 472 13.06 9.62 30.10
C TYR A 472 13.51 9.79 28.65
N VAL A 473 12.73 9.25 27.71
CA VAL A 473 13.13 9.29 26.31
C VAL A 473 13.23 10.74 25.83
N ALA A 474 12.26 11.57 26.18
CA ALA A 474 12.33 12.98 25.81
C ALA A 474 13.57 13.64 26.38
N GLY A 475 13.97 13.26 27.59
CA GLY A 475 15.16 13.83 28.18
C GLY A 475 16.42 13.46 27.43
N GLU A 476 16.49 12.23 26.90
CA GLU A 476 17.64 11.83 26.11
C GLU A 476 17.68 12.60 24.79
N ILE A 477 16.53 12.84 24.17
CA ILE A 477 16.49 13.62 22.93
C ILE A 477 16.94 15.05 23.21
N GLU A 478 16.42 15.65 24.28
CA GLU A 478 16.80 17.02 24.61
C GLU A 478 18.29 17.12 24.90
N GLN A 479 18.87 16.08 25.52
CA GLN A 479 20.30 16.09 25.79
C GLN A 479 21.12 16.07 24.51
N PHE A 480 20.70 15.26 23.53
CA PHE A 480 21.39 15.26 22.24
C PHE A 480 21.25 16.61 21.55
N ILE A 481 20.07 17.21 21.62
CA ILE A 481 19.85 18.52 21.02
C ILE A 481 20.79 19.56 21.64
N LYS A 482 21.03 19.46 22.94
CA LYS A 482 21.82 20.49 23.63
C LYS A 482 23.31 20.23 23.52
N LEU A 490 26.12 19.21 13.11
CA LEU A 490 24.73 18.73 13.02
C LEU A 490 23.77 19.76 13.62
N LYS A 491 24.07 21.04 13.42
CA LYS A 491 23.28 22.10 14.04
C LYS A 491 21.87 22.15 13.47
N THR A 492 21.75 22.10 12.14
CA THR A 492 20.42 22.17 11.54
C THR A 492 19.57 20.98 11.95
N GLU A 493 20.16 19.78 11.98
CA GLU A 493 19.42 18.60 12.40
C GLU A 493 18.92 18.74 13.83
N ARG A 494 19.77 19.24 14.73
CA ARG A 494 19.37 19.39 16.12
C ARG A 494 18.28 20.44 16.27
N GLU A 495 18.30 21.48 15.44
CA GLU A 495 17.21 22.46 15.46
C GLU A 495 15.90 21.84 14.97
N LEU A 496 15.97 21.04 13.91
CA LEU A 496 14.78 20.36 13.42
C LEU A 496 14.28 19.35 14.44
N LEU A 497 15.19 18.66 15.13
CA LEU A 497 14.79 17.72 16.16
C LEU A 497 14.13 18.44 17.34
N ALA A 498 14.60 19.65 17.67
CA ALA A 498 13.98 20.41 18.75
C ALA A 498 12.55 20.78 18.41
N THR A 499 12.31 21.21 17.16
CA THR A 499 10.94 21.49 16.74
C THR A 499 10.08 20.23 16.81
N ALA A 500 10.61 19.10 16.33
CA ALA A 500 9.84 17.86 16.34
C ALA A 500 9.52 17.42 17.77
N LEU A 501 10.50 17.50 18.68
CA LEU A 501 10.25 17.11 20.06
C LEU A 501 9.17 17.99 20.68
N ALA A 502 9.26 19.31 20.47
CA ALA A 502 8.23 20.21 20.95
C ALA A 502 6.88 19.88 20.33
N ASP A 503 6.87 19.53 19.04
CA ASP A 503 5.62 19.14 18.39
C ASP A 503 5.01 17.93 19.08
N VAL A 504 5.83 16.90 19.35
CA VAL A 504 5.32 15.70 19.99
C VAL A 504 4.84 16.01 21.40
N GLN A 505 5.55 16.88 22.11
CA GLN A 505 5.11 17.26 23.46
C GLN A 505 3.80 18.02 23.41
N GLY A 506 3.63 18.92 22.43
CA GLY A 506 2.35 19.57 22.24
C GLY A 506 1.23 18.57 21.98
N MET A 507 1.49 17.61 21.10
CA MET A 507 0.50 16.56 20.84
C MET A 507 0.12 15.84 22.13
N ALA A 508 1.11 15.41 22.90
CA ALA A 508 0.83 14.67 24.12
C ALA A 508 -0.03 15.48 25.08
N ALA A 509 0.27 16.78 25.21
CA ALA A 509 -0.50 17.64 26.11
C ALA A 509 -1.92 17.80 25.62
N SER A 510 -2.11 17.99 24.32
CA SER A 510 -3.46 18.15 23.78
C SER A 510 -4.30 16.91 24.04
N LEU A 511 -3.78 15.72 23.71
CA LEU A 511 -4.52 14.49 23.94
C LEU A 511 -4.78 14.27 25.43
N THR A 512 -3.82 14.63 26.29
CA THR A 512 -4.04 14.51 27.72
C THR A 512 -5.18 15.42 28.16
N GLY A 513 -5.24 16.64 27.62
CA GLY A 513 -6.36 17.52 27.92
C GLY A 513 -7.69 16.93 27.53
N TYR A 514 -7.76 16.33 26.33
CA TYR A 514 -9.02 15.73 25.87
C TYR A 514 -9.44 14.60 26.81
N LEU A 515 -8.48 13.79 27.24
CA LEU A 515 -8.80 12.66 28.12
C LEU A 515 -9.31 13.15 29.47
N MET A 516 -8.61 14.10 30.09
CA MET A 516 -9.00 14.57 31.42
C MET A 516 -10.30 15.36 31.36
N ALA A 517 -10.56 16.06 30.26
CA ALA A 517 -11.82 16.78 30.11
C ALA A 517 -13.00 15.83 29.98
N ALA A 518 -12.75 14.55 29.70
CA ALA A 518 -13.84 13.59 29.59
C ALA A 518 -14.54 13.32 30.91
N GLN A 519 -13.94 13.72 32.04
CA GLN A 519 -14.62 13.60 33.32
C GLN A 519 -15.93 14.38 33.32
N GLU A 520 -15.87 15.63 32.86
CA GLU A 520 -17.04 16.50 32.82
C GLU A 520 -17.83 16.38 31.52
N ASP A 521 -17.18 15.96 30.44
CA ASP A 521 -17.79 15.90 29.10
C ASP A 521 -17.32 14.60 28.45
N ALA A 522 -18.14 13.55 28.62
CA ALA A 522 -17.71 12.19 28.26
C ALA A 522 -17.23 12.11 26.82
N ALA A 523 -17.93 12.76 25.89
CA ALA A 523 -17.58 12.67 24.48
C ALA A 523 -16.18 13.20 24.19
N SER A 524 -15.59 13.98 25.10
CA SER A 524 -14.26 14.50 24.88
C SER A 524 -13.26 13.37 24.64
N ILE A 525 -13.50 12.19 25.20
CA ILE A 525 -12.54 11.10 25.03
C ILE A 525 -12.40 10.71 23.57
N TYR A 526 -13.43 10.96 22.76
CA TYR A 526 -13.35 10.58 21.35
C TYR A 526 -12.19 11.28 20.65
N LYS A 527 -11.89 12.52 21.03
CA LYS A 527 -10.78 13.23 20.40
C LYS A 527 -9.45 12.52 20.66
N VAL A 528 -9.34 11.81 21.78
CA VAL A 528 -8.16 10.97 22.01
C VAL A 528 -8.07 9.89 20.95
N GLY A 529 -9.18 9.17 20.73
CA GLY A 529 -9.19 8.14 19.70
C GLY A 529 -8.91 8.71 18.32
N LEU A 530 -9.48 9.87 18.01
CA LEU A 530 -9.28 10.47 16.69
C LEU A 530 -7.82 10.75 16.42
N GLY A 531 -7.07 11.19 17.44
CA GLY A 531 -5.69 11.56 17.28
C GLY A 531 -4.68 10.50 17.65
N SER A 532 -5.13 9.36 18.17
CA SER A 532 -4.22 8.39 18.78
C SER A 532 -3.18 7.88 17.78
N VAL A 533 -3.63 7.44 16.60
CA VAL A 533 -2.72 6.82 15.65
C VAL A 533 -1.74 7.84 15.08
N ARG A 534 -2.22 9.04 14.74
CA ARG A 534 -1.31 10.07 14.28
C ARG A 534 -0.27 10.43 15.32
N PHE A 535 -0.63 10.34 16.61
CA PHE A 535 0.33 10.59 17.68
C PHE A 535 1.38 9.49 17.74
N LEU A 536 0.94 8.23 17.66
CA LEU A 536 1.90 7.12 17.64
C LEU A 536 2.88 7.25 16.48
N MET A 537 2.38 7.60 15.29
CA MET A 537 3.27 7.72 14.14
C MET A 537 4.22 8.90 14.31
N ALA A 538 3.75 9.99 14.93
CA ALA A 538 4.61 11.14 15.14
C ALA A 538 5.77 10.81 16.07
N VAL A 539 5.50 10.08 17.15
CA VAL A 539 6.59 9.66 18.04
C VAL A 539 7.58 8.77 17.28
N GLY A 540 7.06 7.88 16.43
CA GLY A 540 7.94 7.07 15.61
C GLY A 540 8.85 7.90 14.73
N ASP A 541 8.29 8.91 14.05
CA ASP A 541 9.11 9.80 13.24
C ASP A 541 10.15 10.53 14.07
N LEU A 542 9.78 10.94 15.29
CA LEU A 542 10.72 11.63 16.17
C LEU A 542 11.86 10.70 16.57
N LEU A 543 11.54 9.48 16.99
CA LEU A 543 12.58 8.52 17.35
C LEU A 543 13.47 8.20 16.16
N SER A 544 12.87 8.00 14.98
CA SER A 544 13.66 7.74 13.78
C SER A 544 14.65 8.87 13.53
N GLY A 545 14.18 10.11 13.58
CA GLY A 545 15.05 11.24 13.31
C GLY A 545 16.15 11.38 14.34
N TRP A 546 15.81 11.15 15.62
CA TRP A 546 16.79 11.26 16.68
C TRP A 546 17.87 10.19 16.54
N LEU A 547 17.46 8.94 16.32
CA LEU A 547 18.43 7.84 16.25
C LEU A 547 19.29 7.95 15.00
N LEU A 548 18.72 8.41 13.88
CA LEU A 548 19.54 8.65 12.70
C LEU A 548 20.57 9.76 12.97
N ALA A 549 20.15 10.81 13.70
CA ALA A 549 21.09 11.88 14.04
C ALA A 549 22.19 11.36 14.96
N ARG A 550 21.85 10.48 15.90
CA ARG A 550 22.88 9.85 16.73
C ARG A 550 23.86 9.05 15.88
N GLN A 551 23.33 8.29 14.91
CA GLN A 551 24.20 7.54 14.00
C GLN A 551 25.09 8.48 13.20
N ALA A 552 24.53 9.59 12.72
CA ALA A 552 25.33 10.56 11.98
C ALA A 552 26.40 11.18 12.85
N ALA A 553 26.13 11.37 14.15
CA ALA A 553 27.15 11.88 15.05
C ALA A 553 28.29 10.89 15.22
N VAL A 554 27.97 9.60 15.36
CA VAL A 554 29.00 8.56 15.38
C VAL A 554 29.74 8.52 14.05
N ALA A 555 29.00 8.67 12.94
CA ALA A 555 29.62 8.62 11.61
C ALA A 555 30.63 9.76 11.44
N ILE A 556 30.31 10.94 11.94
CA ILE A 556 31.23 12.07 11.85
C ILE A 556 32.52 11.76 12.61
N GLU A 557 32.38 11.20 13.82
CA GLU A 557 33.56 10.86 14.62
C GLU A 557 34.44 9.84 13.90
N LYS A 558 33.82 8.81 13.32
CA LYS A 558 34.60 7.79 12.62
C LYS A 558 35.24 8.33 11.35
N LEU A 559 34.59 9.28 10.69
CA LEU A 559 35.18 9.88 9.50
C LEU A 559 36.36 10.76 9.88
N ASP A 560 36.19 11.61 10.89
CA ASP A 560 37.30 12.43 11.36
C ASP A 560 38.50 11.58 11.76
N ALA A 561 38.25 10.37 12.29
CA ALA A 561 39.32 9.48 12.71
C ALA A 561 39.99 8.76 11.55
N GLY A 562 39.56 8.98 10.32
CA GLY A 562 40.23 8.46 9.16
C GLY A 562 39.58 7.27 8.47
N ALA A 563 38.27 7.11 8.60
CA ALA A 563 37.60 6.01 7.90
C ALA A 563 37.82 6.13 6.40
N THR A 564 37.91 4.97 5.74
CA THR A 564 38.22 4.91 4.33
C THR A 564 37.36 3.85 3.65
N GLY A 565 37.31 3.92 2.32
CA GLY A 565 36.70 2.86 1.53
C GLY A 565 35.24 2.64 1.87
N ALA A 566 34.85 1.37 2.00
CA ALA A 566 33.45 1.03 2.24
C ALA A 566 32.97 1.58 3.57
N ASP A 567 33.81 1.53 4.61
CA ASP A 567 33.45 2.16 5.87
C ASP A 567 33.07 3.63 5.66
N LYS A 568 33.90 4.36 4.92
CA LYS A 568 33.66 5.77 4.68
C LYS A 568 32.34 6.00 3.94
N SER A 569 32.08 5.19 2.92
CA SER A 569 30.81 5.27 2.20
C SER A 569 29.64 5.09 3.14
N PHE A 570 29.70 4.06 4.00
CA PHE A 570 28.66 3.79 4.96
C PHE A 570 28.42 4.99 5.87
N TYR A 571 29.49 5.52 6.45
CA TYR A 571 29.37 6.67 7.35
C TYR A 571 28.81 7.88 6.61
N GLU A 572 29.23 8.10 5.37
CA GLU A 572 28.68 9.20 4.57
C GLU A 572 27.18 9.02 4.37
N GLY A 573 26.73 7.79 4.13
CA GLY A 573 25.32 7.55 3.95
C GLY A 573 24.50 7.86 5.19
N LYS A 574 25.07 7.62 6.37
CA LYS A 574 24.35 7.92 7.61
C LYS A 574 24.17 9.42 7.79
N ILE A 575 25.19 10.20 7.49
CA ILE A 575 25.07 11.65 7.56
C ILE A 575 23.97 12.14 6.63
N ALA A 576 23.96 11.61 5.40
CA ALA A 576 22.98 12.05 4.41
C ALA A 576 21.56 11.65 4.81
N ALA A 577 21.38 10.44 5.34
CA ALA A 577 20.05 10.00 5.74
C ALA A 577 19.53 10.83 6.91
N ALA A 578 20.37 11.09 7.92
CA ALA A 578 19.95 11.89 9.05
C ALA A 578 19.52 13.29 8.61
N SER A 579 20.28 13.90 7.70
CA SER A 579 19.93 15.23 7.21
C SER A 579 18.67 15.20 6.37
N PHE A 580 18.56 14.23 5.45
CA PHE A 580 17.36 14.10 4.64
C PHE A 580 16.13 13.90 5.51
N PHE A 581 16.21 13.01 6.50
CA PHE A 581 15.05 12.73 7.33
C PHE A 581 14.62 13.97 8.10
N ALA A 582 15.59 14.67 8.70
CA ALA A 582 15.25 15.85 9.50
C ALA A 582 14.59 16.93 8.65
N LYS A 583 15.02 17.08 7.42
CA LYS A 583 14.54 18.16 6.53
C LYS A 583 13.26 17.77 5.77
N ASN A 584 12.99 16.49 5.52
CA ASN A 584 11.89 16.09 4.67
C ASN A 584 10.77 15.35 5.40
N MET A 585 11.03 14.79 6.59
CA MET A 585 10.00 14.10 7.36
C MET A 585 9.59 14.85 8.63
N LEU A 586 10.55 15.36 9.40
CA LEU A 586 10.22 15.93 10.70
C LEU A 586 9.32 17.16 10.61
N PRO A 587 9.48 18.08 9.66
CA PRO A 587 8.65 19.30 9.67
C PRO A 587 7.16 19.02 9.61
N LEU A 588 6.76 17.90 8.99
CA LEU A 588 5.34 17.57 8.89
C LEU A 588 4.71 17.42 10.27
N LEU A 589 5.50 17.08 11.29
CA LEU A 589 4.95 16.92 12.62
C LEU A 589 4.35 18.22 13.15
N THR A 590 4.82 19.37 12.65
CA THR A 590 4.27 20.64 13.10
C THR A 590 2.82 20.79 12.64
N SER A 591 2.53 20.43 11.39
CA SER A 591 1.16 20.46 10.91
C SER A 591 0.30 19.45 11.64
N THR A 592 0.86 18.27 11.92
CA THR A 592 0.11 17.24 12.64
C THR A 592 -0.23 17.69 14.05
N ARG A 593 0.68 18.38 14.73
CA ARG A 593 0.36 18.92 16.05
C ARG A 593 -0.83 19.87 15.98
N GLN A 594 -0.79 20.81 15.03
CA GLN A 594 -1.86 21.81 14.93
C GLN A 594 -3.18 21.14 14.57
N ILE A 595 -3.13 20.09 13.74
CA ILE A 595 -4.35 19.33 13.44
C ILE A 595 -4.88 18.66 14.70
N ILE A 596 -3.98 18.04 15.48
CA ILE A 596 -4.42 17.38 16.71
C ILE A 596 -4.94 18.40 17.70
N GLU A 597 -4.38 19.60 17.70
CA GLU A 597 -4.82 20.66 18.60
C GLU A 597 -6.21 21.19 18.25
N ASN A 598 -6.69 20.96 17.01
CA ASN A 598 -7.99 21.47 16.59
C ASN A 598 -9.01 20.37 16.33
N LEU A 599 -8.72 19.14 16.78
CA LEU A 599 -9.69 18.07 16.66
C LEU A 599 -11.03 18.48 17.27
N ASP A 600 -12.11 18.12 16.59
CA ASP A 600 -13.46 18.32 17.08
C ASP A 600 -14.23 17.02 16.89
N ASN A 601 -15.46 16.99 17.40
CA ASN A 601 -16.27 15.79 17.39
C ASN A 601 -17.34 15.80 16.29
N ASP A 602 -17.22 16.69 15.31
CA ASP A 602 -18.17 16.70 14.19
C ASP A 602 -18.31 15.31 13.58
N VAL A 603 -17.19 14.62 13.37
CA VAL A 603 -17.22 13.31 12.73
C VAL A 603 -17.87 12.26 13.61
N MET A 604 -17.88 12.47 14.93
CA MET A 604 -18.58 11.55 15.83
C MET A 604 -20.07 11.83 15.90
N GLU A 605 -20.46 13.08 15.71
CA GLU A 605 -21.87 13.48 15.79
C GLU A 605 -22.62 13.18 14.50
N LEU A 606 -21.91 12.98 13.40
CA LEU A 606 -22.56 12.72 12.12
C LEU A 606 -23.36 11.43 12.17
N ASP A 607 -24.56 11.48 11.59
CA ASP A 607 -25.37 10.28 11.45
C ASP A 607 -24.62 9.23 10.64
N GLU A 608 -24.67 7.98 11.12
CA GLU A 608 -24.05 6.88 10.38
C GLU A 608 -24.56 6.82 8.95
N ALA A 609 -25.82 7.20 8.72
CA ALA A 609 -26.39 7.13 7.38
C ALA A 609 -25.78 8.13 6.42
N ALA A 610 -25.07 9.14 6.93
CA ALA A 610 -24.47 10.16 6.08
C ALA A 610 -23.13 9.72 5.47
N PHE A 611 -22.54 8.64 5.96
CA PHE A 611 -21.30 8.12 5.37
C PHE A 611 -21.57 7.52 4.00
N MET B 1 -18.97 -13.28 -7.25
CA MET B 1 -19.49 -12.57 -6.07
C MET B 1 -19.83 -11.12 -6.43
N SER B 2 -20.82 -10.49 -5.76
CA SER B 2 -21.29 -9.11 -5.81
C SER B 2 -20.37 -8.16 -5.05
N HIS B 3 -19.09 -8.13 -5.42
CA HIS B 3 -18.13 -7.29 -4.71
C HIS B 3 -18.37 -5.80 -4.98
N TYR B 4 -18.90 -5.46 -6.15
CA TYR B 4 -18.87 -4.08 -6.60
C TYR B 4 -20.05 -3.30 -5.99
N LYS B 5 -19.73 -2.21 -5.30
CA LYS B 5 -20.73 -1.31 -4.75
C LYS B 5 -20.61 0.04 -5.46
N SER B 6 -21.67 0.41 -6.18
CA SER B 6 -21.68 1.60 -7.01
C SER B 6 -22.21 2.80 -6.24
N ASN B 7 -22.06 3.98 -6.84
CA ASN B 7 -22.54 5.22 -6.24
C ASN B 7 -23.03 6.17 -7.35
N VAL B 8 -24.14 5.78 -7.99
CA VAL B 8 -24.75 6.65 -9.00
C VAL B 8 -25.21 7.95 -8.35
N ARG B 9 -25.70 7.87 -7.11
CA ARG B 9 -26.18 9.05 -6.40
C ARG B 9 -25.14 10.16 -6.42
N ASP B 10 -23.90 9.84 -6.05
CA ASP B 10 -22.85 10.85 -6.03
C ASP B 10 -22.51 11.32 -7.43
N GLN B 11 -22.55 10.42 -8.42
CA GLN B 11 -22.30 10.82 -9.80
C GLN B 11 -23.33 11.85 -10.27
N VAL B 12 -24.60 11.57 -10.05
CA VAL B 12 -25.67 12.46 -10.49
C VAL B 12 -25.60 13.79 -9.73
N PHE B 13 -25.23 13.73 -8.45
CA PHE B 13 -25.01 14.96 -7.69
C PHE B 13 -23.98 15.85 -8.37
N ASN B 14 -22.81 15.28 -8.70
CA ASN B 14 -21.78 16.05 -9.39
C ASN B 14 -22.27 16.55 -10.74
N LEU B 15 -22.83 15.65 -11.55
CA LEU B 15 -23.11 15.99 -12.94
C LEU B 15 -24.17 17.08 -13.06
N PHE B 16 -25.19 17.04 -12.23
CA PHE B 16 -26.35 17.93 -12.37
C PHE B 16 -26.43 19.00 -11.30
N GLU B 17 -26.22 18.65 -10.03
CA GLU B 17 -26.39 19.64 -8.96
C GLU B 17 -25.15 20.50 -8.76
N VAL B 18 -23.96 20.01 -9.10
CA VAL B 18 -22.74 20.77 -8.87
C VAL B 18 -22.30 21.44 -10.16
N PHE B 19 -22.07 20.65 -11.21
CA PHE B 19 -21.51 21.18 -12.44
C PHE B 19 -22.56 21.57 -13.46
N GLY B 20 -23.78 21.08 -13.33
CA GLY B 20 -24.84 21.45 -14.25
C GLY B 20 -24.63 20.99 -15.68
N VAL B 21 -24.09 19.79 -15.86
CA VAL B 21 -23.87 19.25 -17.20
C VAL B 21 -25.19 19.04 -17.93
N ASP B 22 -26.31 19.00 -17.20
CA ASP B 22 -27.60 18.91 -17.84
C ASP B 22 -27.94 20.15 -18.64
N LYS B 23 -27.20 21.26 -18.45
CA LYS B 23 -27.43 22.45 -19.25
C LYS B 23 -27.30 22.17 -20.74
N VAL B 24 -26.39 21.27 -21.13
CA VAL B 24 -26.13 21.01 -22.54
C VAL B 24 -26.92 19.83 -23.08
N LEU B 25 -27.58 19.05 -22.23
CA LEU B 25 -28.34 17.89 -22.70
C LEU B 25 -29.63 18.36 -23.37
N GLY B 26 -29.92 17.79 -24.53
CA GLY B 26 -31.03 18.24 -25.34
C GLY B 26 -30.74 19.41 -26.24
N ALA B 27 -29.46 19.76 -26.43
CA ALA B 27 -29.08 20.93 -27.20
C ALA B 27 -27.84 20.63 -28.03
N ASP B 28 -27.87 21.08 -29.29
CA ASP B 28 -26.74 20.96 -30.21
C ASP B 28 -26.23 19.51 -30.28
N LYS B 29 -24.94 19.29 -30.01
CA LYS B 29 -24.36 17.96 -30.15
C LYS B 29 -25.20 16.90 -29.45
N PHE B 30 -25.76 17.24 -28.30
CA PHE B 30 -26.49 16.29 -27.46
C PHE B 30 -28.01 16.47 -27.56
N SER B 31 -28.46 16.93 -28.73
CA SER B 31 -29.88 17.25 -28.92
C SER B 31 -30.79 16.08 -28.60
N ASP B 32 -30.32 14.86 -28.80
CA ASP B 32 -31.17 13.68 -28.68
C ASP B 32 -31.01 12.96 -27.35
N LEU B 33 -30.34 13.57 -26.38
CA LEU B 33 -30.08 12.96 -25.09
C LEU B 33 -30.48 13.94 -24.00
N ASP B 34 -31.49 13.58 -23.21
CA ASP B 34 -31.97 14.44 -22.13
C ASP B 34 -31.54 13.90 -20.78
N ALA B 35 -31.76 14.71 -19.75
CA ALA B 35 -31.25 14.40 -18.42
C ALA B 35 -31.82 13.09 -17.89
N ASP B 36 -33.12 12.86 -18.10
CA ASP B 36 -33.72 11.62 -17.61
C ASP B 36 -33.07 10.41 -18.24
N THR B 37 -32.78 10.47 -19.54
CA THR B 37 -32.14 9.35 -20.22
C THR B 37 -30.73 9.12 -19.69
N ALA B 38 -30.01 10.21 -19.38
CA ALA B 38 -28.66 10.08 -18.84
C ALA B 38 -28.69 9.39 -17.48
N ARG B 39 -29.64 9.76 -16.62
CA ARG B 39 -29.79 9.09 -15.33
C ARG B 39 -30.09 7.61 -15.53
N GLU B 40 -31.02 7.29 -16.42
CA GLU B 40 -31.38 5.90 -16.67
C GLU B 40 -30.19 5.10 -17.16
N MET B 41 -29.34 5.72 -17.98
CA MET B 41 -28.14 5.04 -18.47
C MET B 41 -27.17 4.74 -17.33
N LEU B 42 -26.94 5.70 -16.44
CA LEU B 42 -26.08 5.46 -15.29
C LEU B 42 -26.62 4.32 -14.44
N THR B 43 -27.94 4.31 -14.21
CA THR B 43 -28.54 3.25 -13.42
C THR B 43 -28.43 1.90 -14.12
N GLU B 44 -28.60 1.88 -15.45
CA GLU B 44 -28.53 0.62 -16.18
C GLU B 44 -27.12 0.02 -16.13
N ILE B 45 -26.09 0.83 -16.40
CA ILE B 45 -24.75 0.27 -16.43
C ILE B 45 -24.27 -0.08 -15.03
N ALA B 46 -24.73 0.65 -14.01
CA ALA B 46 -24.36 0.31 -12.64
C ALA B 46 -24.93 -1.05 -12.24
N ARG B 47 -26.16 -1.31 -12.68
CA ARG B 47 -26.85 -2.60 -12.47
C ARG B 47 -26.07 -3.69 -13.22
N LEU B 48 -25.72 -3.48 -14.48
CA LEU B 48 -24.90 -4.41 -15.25
C LEU B 48 -23.56 -4.64 -14.57
N ALA B 49 -22.93 -3.55 -14.10
CA ALA B 49 -21.63 -3.67 -13.44
C ALA B 49 -21.74 -4.50 -12.17
N GLU B 50 -22.75 -4.22 -11.34
CA GLU B 50 -22.88 -4.94 -10.08
C GLU B 50 -23.24 -6.41 -10.30
N GLY B 51 -23.86 -6.74 -11.44
CA GLY B 51 -24.24 -8.10 -11.74
C GLY B 51 -23.25 -8.80 -12.64
N PRO B 52 -23.58 -8.94 -13.93
CA PRO B 52 -22.77 -9.79 -14.81
C PRO B 52 -21.30 -9.40 -14.89
N ILE B 53 -20.95 -8.12 -14.82
CA ILE B 53 -19.56 -7.72 -14.99
C ILE B 53 -18.76 -8.04 -13.72
N ALA B 54 -19.28 -7.63 -12.56
CA ALA B 54 -18.60 -7.91 -11.30
C ALA B 54 -18.51 -9.40 -11.00
N GLU B 55 -19.39 -10.21 -11.60
CA GLU B 55 -19.48 -11.62 -11.21
C GLU B 55 -18.23 -12.42 -11.56
N SER B 56 -17.42 -11.98 -12.51
CA SER B 56 -16.18 -12.66 -12.86
C SER B 56 -14.94 -11.94 -12.33
N PHE B 57 -15.13 -10.96 -11.46
CA PHE B 57 -14.00 -10.23 -10.89
C PHE B 57 -13.03 -11.17 -10.19
N VAL B 58 -13.55 -12.03 -9.31
CA VAL B 58 -12.70 -12.97 -8.60
C VAL B 58 -12.16 -14.03 -9.55
N GLU B 59 -13.03 -14.57 -10.38
CA GLU B 59 -12.68 -15.66 -11.32
C GLU B 59 -11.44 -15.24 -12.10
N GLY B 60 -11.36 -14.00 -12.64
CA GLY B 60 -10.26 -13.56 -13.47
C GLY B 60 -8.93 -13.54 -12.74
N ASP B 61 -8.96 -13.26 -11.44
CA ASP B 61 -7.75 -13.22 -10.64
C ASP B 61 -7.33 -14.62 -10.19
N ARG B 62 -8.29 -15.47 -9.85
CA ARG B 62 -7.99 -16.80 -9.30
C ARG B 62 -7.75 -17.84 -10.39
N ASN B 63 -8.28 -17.62 -11.58
CA ASN B 63 -8.14 -18.56 -12.70
C ASN B 63 -7.66 -17.76 -13.90
N PRO B 64 -6.43 -17.26 -13.86
CA PRO B 64 -6.01 -16.23 -14.80
C PRO B 64 -5.70 -16.79 -16.17
N PRO B 65 -5.47 -15.90 -17.16
CA PRO B 65 -5.25 -16.37 -18.53
C PRO B 65 -4.04 -17.29 -18.66
N VAL B 66 -4.11 -18.17 -19.64
CA VAL B 66 -3.05 -19.14 -19.92
C VAL B 66 -2.57 -18.92 -21.35
N PHE B 67 -1.25 -18.86 -21.51
CA PHE B 67 -0.62 -18.56 -22.80
C PHE B 67 -0.12 -19.85 -23.44
N ASP B 68 -0.47 -20.05 -24.71
CA ASP B 68 0.10 -21.14 -25.50
C ASP B 68 1.21 -20.55 -26.36
N PRO B 69 2.49 -20.81 -26.04
CA PRO B 69 3.58 -20.16 -26.81
C PRO B 69 3.69 -20.64 -28.24
N GLU B 70 3.13 -21.80 -28.59
CA GLU B 70 3.24 -22.27 -29.96
C GLU B 70 2.17 -21.66 -30.86
N THR B 71 1.00 -21.32 -30.31
CA THR B 71 -0.02 -20.61 -31.07
C THR B 71 0.06 -19.10 -30.89
N HIS B 72 0.82 -18.62 -29.91
CA HIS B 72 0.94 -17.19 -29.64
C HIS B 72 -0.41 -16.58 -29.26
N THR B 73 -1.23 -17.35 -28.54
CA THR B 73 -2.55 -16.89 -28.15
C THR B 73 -2.78 -17.14 -26.67
N VAL B 74 -3.77 -16.44 -26.12
CA VAL B 74 -4.14 -16.50 -24.72
C VAL B 74 -5.54 -17.07 -24.62
N THR B 75 -5.77 -17.90 -23.59
CA THR B 75 -7.10 -18.38 -23.26
C THR B 75 -7.56 -17.65 -22.01
N LEU B 76 -8.73 -16.97 -22.09
CA LEU B 76 -9.30 -16.28 -20.94
C LEU B 76 -10.32 -17.16 -20.25
N PRO B 77 -10.50 -17.00 -18.93
CA PRO B 77 -11.51 -17.80 -18.23
C PRO B 77 -12.92 -17.51 -18.76
N GLU B 78 -13.74 -18.56 -18.82
CA GLU B 78 -15.04 -18.48 -19.47
C GLU B 78 -15.95 -17.46 -18.79
N GLY B 79 -15.92 -17.40 -17.45
CA GLY B 79 -16.79 -16.46 -16.75
C GLY B 79 -16.47 -15.02 -17.11
N PHE B 80 -15.19 -14.70 -17.33
CA PHE B 80 -14.82 -13.35 -17.73
C PHE B 80 -15.28 -13.04 -19.14
N LYS B 81 -15.16 -14.00 -20.06
CA LYS B 81 -15.65 -13.79 -21.42
C LYS B 81 -17.17 -13.60 -21.43
N LYS B 82 -17.89 -14.27 -20.53
CA LYS B 82 -19.34 -14.02 -20.41
C LYS B 82 -19.60 -12.59 -19.99
N SER B 83 -18.79 -12.05 -19.07
CA SER B 83 -18.94 -10.66 -18.68
C SER B 83 -18.67 -9.73 -19.87
N MET B 84 -17.62 -10.03 -20.65
CA MET B 84 -17.34 -9.22 -21.83
C MET B 84 -18.53 -9.22 -22.78
N ARG B 85 -19.15 -10.38 -23.01
CA ARG B 85 -20.28 -10.45 -23.93
C ARG B 85 -21.47 -9.65 -23.40
N ALA B 86 -21.68 -9.65 -22.08
CA ALA B 86 -22.71 -8.80 -21.50
C ALA B 86 -22.42 -7.35 -21.80
N LEU B 87 -21.15 -6.94 -21.72
CA LEU B 87 -20.77 -5.58 -22.03
C LEU B 87 -21.03 -5.25 -23.50
N PHE B 88 -20.62 -6.15 -24.40
CA PHE B 88 -20.85 -5.92 -25.82
C PHE B 88 -22.33 -5.91 -26.14
N ASP B 89 -23.09 -6.86 -25.58
CA ASP B 89 -24.50 -6.99 -25.92
C ASP B 89 -25.28 -5.74 -25.54
N GLY B 90 -24.83 -5.02 -24.52
CA GLY B 90 -25.45 -3.78 -24.13
C GLY B 90 -24.93 -2.54 -24.83
N GLY B 91 -23.98 -2.70 -25.75
CA GLY B 91 -23.44 -1.57 -26.48
C GLY B 91 -22.51 -0.68 -25.68
N TRP B 92 -21.91 -1.20 -24.61
CA TRP B 92 -21.12 -0.38 -23.70
C TRP B 92 -19.66 -0.24 -24.13
N ASP B 93 -19.21 -0.97 -25.15
CA ASP B 93 -17.93 -0.68 -25.76
C ASP B 93 -18.03 0.43 -26.80
N LYS B 94 -19.17 1.12 -26.86
CA LYS B 94 -19.40 2.21 -27.78
C LYS B 94 -19.90 3.44 -27.04
N VAL B 95 -19.49 3.61 -25.78
CA VAL B 95 -19.94 4.73 -24.96
C VAL B 95 -19.26 5.99 -25.44
N GLY B 96 -20.04 7.01 -25.78
CA GLY B 96 -19.48 8.26 -26.26
C GLY B 96 -18.74 8.17 -27.58
N LEU B 97 -18.82 7.01 -28.25
CA LEU B 97 -18.28 6.89 -29.59
C LEU B 97 -18.99 7.85 -30.53
N ALA B 98 -18.27 8.35 -31.52
CA ALA B 98 -18.86 9.26 -32.50
C ALA B 98 -20.09 8.62 -33.13
N GLU B 99 -21.11 9.44 -33.39
CA GLU B 99 -22.36 8.93 -33.95
C GLU B 99 -22.12 8.17 -35.25
N HIS B 100 -21.22 8.67 -36.09
CA HIS B 100 -20.99 8.04 -37.39
C HIS B 100 -20.29 6.69 -37.28
N LEU B 101 -19.76 6.35 -36.10
CA LEU B 101 -19.21 5.02 -35.86
C LEU B 101 -20.18 4.11 -35.11
N GLY B 102 -21.41 4.57 -34.88
CA GLY B 102 -22.40 3.79 -34.18
C GLY B 102 -22.60 4.14 -32.72
N GLY B 103 -22.06 5.27 -32.26
CA GLY B 103 -22.11 5.63 -30.86
C GLY B 103 -23.27 6.55 -30.52
N ILE B 104 -23.44 6.77 -29.21
CA ILE B 104 -24.44 7.68 -28.69
C ILE B 104 -23.73 8.96 -28.27
N PRO B 105 -23.94 10.10 -28.96
CA PRO B 105 -23.26 11.33 -28.54
C PRO B 105 -23.64 11.70 -27.12
N MET B 106 -22.64 12.11 -26.34
CA MET B 106 -22.85 12.51 -24.95
C MET B 106 -21.63 13.28 -24.47
N PRO B 107 -21.79 14.15 -23.47
CA PRO B 107 -20.61 14.82 -22.92
C PRO B 107 -19.66 13.82 -22.30
N ARG B 108 -18.37 14.14 -22.34
CA ARG B 108 -17.35 13.26 -21.77
C ARG B 108 -17.58 13.03 -20.28
N ALA B 109 -18.11 14.03 -19.57
CA ALA B 109 -18.36 13.88 -18.14
C ALA B 109 -19.34 12.74 -17.88
N LEU B 110 -20.38 12.62 -18.71
CA LEU B 110 -21.30 11.50 -18.57
C LEU B 110 -20.64 10.20 -19.00
N GLN B 111 -19.82 10.25 -20.05
CA GLN B 111 -19.18 9.04 -20.56
C GLN B 111 -18.27 8.40 -19.51
N TRP B 112 -17.47 9.22 -18.83
CA TRP B 112 -16.55 8.66 -17.83
C TRP B 112 -17.29 8.22 -16.58
N ALA B 113 -18.42 8.88 -16.25
CA ALA B 113 -19.26 8.40 -15.16
C ALA B 113 -19.82 7.02 -15.47
N LEU B 114 -20.21 6.78 -16.72
CA LEU B 114 -20.68 5.46 -17.11
C LEU B 114 -19.55 4.44 -17.02
N ILE B 115 -18.39 4.78 -17.57
CA ILE B 115 -17.24 3.88 -17.57
C ILE B 115 -16.79 3.57 -16.15
N GLU B 116 -16.95 4.51 -15.21
CA GLU B 116 -16.51 4.29 -13.84
C GLU B 116 -17.04 2.96 -13.31
N HIS B 117 -18.28 2.61 -13.67
CA HIS B 117 -18.91 1.42 -13.11
C HIS B 117 -18.22 0.15 -13.62
N ILE B 118 -17.83 0.13 -14.88
CA ILE B 118 -17.10 -1.02 -15.40
C ILE B 118 -15.73 -1.11 -14.75
N LEU B 119 -15.04 0.03 -14.60
CA LEU B 119 -13.73 0.05 -13.99
C LEU B 119 -13.78 -0.39 -12.52
N GLY B 120 -14.88 -0.10 -11.84
CA GLY B 120 -15.05 -0.53 -10.46
C GLY B 120 -15.37 -2.01 -10.34
N ALA B 121 -16.15 -2.53 -11.30
CA ALA B 121 -16.62 -3.90 -11.21
C ALA B 121 -15.61 -4.91 -11.73
N ASN B 122 -14.82 -4.54 -12.73
CA ASN B 122 -13.91 -5.46 -13.43
C ASN B 122 -13.10 -4.64 -14.40
N PRO B 123 -12.09 -3.89 -13.92
CA PRO B 123 -11.44 -2.90 -14.80
C PRO B 123 -10.82 -3.49 -16.05
N ALA B 124 -10.31 -4.72 -15.99
CA ALA B 124 -9.75 -5.33 -17.18
C ALA B 124 -10.80 -5.48 -18.28
N ALA B 125 -12.07 -5.62 -17.90
CA ALA B 125 -13.12 -5.75 -18.89
C ALA B 125 -13.27 -4.49 -19.71
N TYR B 126 -13.18 -3.32 -19.08
CA TYR B 126 -13.20 -2.09 -19.86
C TYR B 126 -11.97 -1.99 -20.75
N MET B 127 -10.81 -2.38 -20.23
CA MET B 127 -9.58 -2.25 -21.01
C MET B 127 -9.66 -3.09 -22.28
N TYR B 128 -10.13 -4.33 -22.18
CA TYR B 128 -10.34 -5.14 -23.38
C TYR B 128 -11.33 -4.46 -24.34
N ALA B 129 -12.25 -3.67 -23.81
CA ALA B 129 -13.32 -3.06 -24.59
C ALA B 129 -12.96 -1.67 -25.12
N MET B 130 -11.70 -1.26 -25.02
CA MET B 130 -11.27 0.06 -25.49
C MET B 130 -11.05 0.14 -27.00
N GLY B 131 -11.24 -0.96 -27.73
CA GLY B 131 -10.99 -1.00 -29.15
C GLY B 131 -11.70 0.10 -29.93
N PRO B 132 -13.03 0.13 -29.86
CA PRO B 132 -13.77 1.16 -30.63
C PRO B 132 -13.32 2.58 -30.32
N GLY B 133 -13.06 2.90 -29.05
CA GLY B 133 -12.55 4.22 -28.72
C GLY B 133 -11.21 4.51 -29.36
N MET B 134 -10.37 3.48 -29.52
CA MET B 134 -9.09 3.66 -30.17
C MET B 134 -9.24 3.68 -31.69
N SER B 135 -10.21 2.95 -32.23
CA SER B 135 -10.53 3.07 -33.64
C SER B 135 -10.96 4.49 -34.00
N GLU B 136 -11.68 5.15 -33.09
CA GLU B 136 -12.07 6.53 -33.32
C GLU B 136 -10.84 7.44 -33.38
N ILE B 137 -9.85 7.19 -32.52
CA ILE B 137 -8.61 7.97 -32.57
C ILE B 137 -7.89 7.73 -33.89
N PHE B 138 -7.84 6.48 -34.33
CA PHE B 138 -7.28 6.16 -35.64
C PHE B 138 -8.05 6.89 -36.75
N TYR B 139 -9.38 6.86 -36.67
CA TYR B 139 -10.22 7.60 -37.60
C TYR B 139 -9.81 9.07 -37.68
N ASN B 140 -9.71 9.72 -36.51
CA ASN B 140 -9.45 11.16 -36.49
C ASN B 140 -8.08 11.50 -37.05
N ASN B 141 -7.10 10.60 -36.92
CA ASN B 141 -5.76 10.83 -37.41
C ASN B 141 -5.50 10.24 -38.78
N GLY B 142 -6.49 9.59 -39.38
CA GLY B 142 -6.26 8.78 -40.56
C GLY B 142 -6.53 9.49 -41.87
N THR B 143 -6.01 8.92 -42.95
CA THR B 143 -6.40 9.29 -44.29
C THR B 143 -7.89 8.96 -44.51
N ASP B 144 -8.43 9.46 -45.62
CA ASP B 144 -9.80 9.10 -45.98
C ASP B 144 -9.96 7.59 -46.06
N GLU B 145 -9.00 6.91 -46.70
CA GLU B 145 -9.08 5.45 -46.81
C GLU B 145 -8.90 4.78 -45.46
N GLN B 146 -8.02 5.31 -44.62
CA GLN B 146 -7.86 4.75 -43.27
C GLN B 146 -9.13 4.95 -42.44
N LYS B 147 -9.85 6.06 -42.67
CA LYS B 147 -11.12 6.27 -42.00
C LYS B 147 -12.11 5.17 -42.33
N LYS B 148 -12.06 4.63 -43.56
CA LYS B 148 -12.90 3.50 -43.91
C LYS B 148 -12.56 2.28 -43.05
N TRP B 149 -11.27 2.01 -42.85
CA TRP B 149 -10.88 0.87 -42.03
C TRP B 149 -11.29 1.10 -40.58
N ALA B 150 -11.06 2.30 -40.07
CA ALA B 150 -11.45 2.61 -38.69
C ALA B 150 -12.95 2.39 -38.49
N THR B 151 -13.76 2.79 -39.47
CA THR B 151 -15.20 2.58 -39.36
C THR B 151 -15.53 1.10 -39.29
N ILE B 152 -14.85 0.28 -40.09
CA ILE B 152 -15.04 -1.17 -40.02
C ILE B 152 -14.64 -1.67 -38.64
N ALA B 153 -13.44 -1.31 -38.17
CA ALA B 153 -12.98 -1.78 -36.89
C ALA B 153 -13.95 -1.42 -35.77
N ALA B 154 -14.51 -0.20 -35.81
CA ALA B 154 -15.44 0.22 -34.77
C ALA B 154 -16.76 -0.54 -34.87
N GLU B 155 -17.30 -0.66 -36.09
CA GLU B 155 -18.56 -1.37 -36.27
C GLU B 155 -18.45 -2.83 -35.88
N ARG B 156 -17.30 -3.44 -36.16
CA ARG B 156 -17.07 -4.84 -35.87
C ARG B 156 -16.56 -5.09 -34.45
N GLY B 157 -16.31 -4.03 -33.69
CA GLY B 157 -15.88 -4.20 -32.30
C GLY B 157 -14.50 -4.78 -32.13
N TRP B 158 -13.57 -4.49 -33.05
CA TRP B 158 -12.22 -5.00 -32.92
C TRP B 158 -11.55 -4.48 -31.66
N GLY B 159 -10.66 -5.30 -31.09
CA GLY B 159 -9.81 -4.84 -30.01
C GLY B 159 -8.69 -3.97 -30.53
N ALA B 160 -7.93 -3.40 -29.59
CA ALA B 160 -6.84 -2.52 -29.99
C ALA B 160 -5.82 -2.45 -28.86
N THR B 161 -4.60 -2.06 -29.23
CA THR B 161 -3.51 -1.91 -28.29
C THR B 161 -2.74 -0.64 -28.60
N MET B 162 -2.08 -0.11 -27.56
CA MET B 162 -1.08 0.93 -27.73
C MET B 162 0.28 0.30 -27.48
N VAL B 163 1.14 0.34 -28.49
CA VAL B 163 2.40 -0.40 -28.50
C VAL B 163 3.53 0.62 -28.55
N LEU B 164 4.07 0.94 -27.38
CA LEU B 164 5.21 1.82 -27.24
C LEU B 164 6.41 1.13 -26.58
N THR B 165 6.18 0.45 -25.46
CA THR B 165 7.25 0.11 -24.55
C THR B 165 8.12 -1.02 -25.07
N GLU B 166 9.43 -0.87 -24.89
CA GLU B 166 10.43 -1.89 -25.17
C GLU B 166 11.23 -2.16 -23.90
N PRO B 167 11.95 -3.29 -23.85
CA PRO B 167 12.72 -3.59 -22.64
C PRO B 167 13.64 -2.47 -22.19
N ASP B 168 14.21 -1.69 -23.11
CA ASP B 168 15.10 -0.60 -22.75
C ASP B 168 14.48 0.78 -22.99
N ALA B 169 13.20 0.85 -23.37
CA ALA B 169 12.53 2.12 -23.63
C ALA B 169 11.14 2.07 -23.02
N GLY B 170 11.04 2.43 -21.75
CA GLY B 170 9.75 2.55 -21.08
C GLY B 170 9.35 4.00 -20.90
N SER B 171 9.83 4.64 -19.83
CA SER B 171 9.58 6.06 -19.65
C SER B 171 10.24 6.89 -20.74
N ASP B 172 11.38 6.44 -21.25
CA ASP B 172 12.09 7.13 -22.33
C ASP B 172 11.67 6.54 -23.67
N VAL B 173 10.45 6.90 -24.08
CA VAL B 173 9.87 6.35 -25.31
C VAL B 173 10.78 6.63 -26.50
N GLY B 174 11.50 7.74 -26.49
CA GLY B 174 12.34 8.11 -27.62
C GLY B 174 13.57 7.24 -27.81
N ALA B 175 13.86 6.34 -26.87
CA ALA B 175 14.95 5.39 -27.02
C ALA B 175 14.52 4.13 -27.75
N GLY B 176 13.27 4.04 -28.18
CA GLY B 176 12.81 2.82 -28.81
C GLY B 176 13.59 2.49 -30.07
N ARG B 177 13.84 1.19 -30.26
CA ARG B 177 14.62 0.71 -31.41
C ARG B 177 13.80 -0.08 -32.41
N THR B 178 12.53 -0.39 -32.11
CA THR B 178 11.65 -0.97 -33.11
C THR B 178 11.66 -0.11 -34.37
N LYS B 179 11.88 -0.75 -35.51
CA LYS B 179 12.12 -0.04 -36.75
C LYS B 179 11.03 -0.32 -37.77
N ALA B 180 10.89 0.61 -38.72
CA ALA B 180 9.91 0.53 -39.80
C ALA B 180 10.67 0.62 -41.12
N VAL B 181 10.49 -0.39 -41.98
CA VAL B 181 11.18 -0.51 -43.25
C VAL B 181 10.18 -0.23 -44.36
N GLN B 182 10.38 0.84 -45.11
CA GLN B 182 9.41 1.22 -46.12
C GLN B 182 9.47 0.27 -47.30
N GLN B 183 8.30 -0.10 -47.80
CA GLN B 183 8.18 -0.94 -48.98
C GLN B 183 7.85 -0.09 -50.20
N PRO B 184 8.15 -0.60 -51.40
CA PRO B 184 7.86 0.20 -52.61
C PRO B 184 6.41 0.65 -52.72
N ASP B 185 5.45 -0.20 -52.33
CA ASP B 185 4.05 0.13 -52.49
C ASP B 185 3.52 1.05 -51.39
N GLY B 186 4.37 1.54 -50.50
CA GLY B 186 3.97 2.50 -49.49
C GLY B 186 3.64 1.92 -48.14
N THR B 187 3.51 0.60 -48.03
CA THR B 187 3.36 -0.02 -46.72
C THR B 187 4.72 -0.07 -46.02
N TRP B 188 4.72 -0.52 -44.78
CA TRP B 188 5.94 -0.64 -43.99
C TRP B 188 5.99 -2.03 -43.36
N HIS B 189 7.22 -2.50 -43.12
CA HIS B 189 7.46 -3.72 -42.37
C HIS B 189 8.06 -3.33 -41.03
N ILE B 190 7.34 -3.63 -39.95
CA ILE B 190 7.78 -3.27 -38.60
C ILE B 190 8.58 -4.43 -38.03
N GLU B 191 9.70 -4.11 -37.39
CA GLU B 191 10.62 -5.11 -36.84
C GLU B 191 11.04 -4.68 -35.45
N GLY B 192 10.76 -5.53 -34.47
CA GLY B 192 11.17 -5.25 -33.10
C GLY B 192 10.36 -6.06 -32.11
N VAL B 193 10.78 -5.97 -30.85
CA VAL B 193 10.13 -6.65 -29.74
C VAL B 193 9.69 -5.59 -28.74
N LYS B 194 8.39 -5.59 -28.43
CA LYS B 194 7.80 -4.68 -27.47
C LYS B 194 7.38 -5.45 -26.22
N ARG B 195 7.30 -4.75 -25.10
CA ARG B 195 7.08 -5.38 -23.81
C ARG B 195 5.95 -4.69 -23.06
N PHE B 196 5.27 -5.47 -22.22
CA PHE B 196 4.20 -4.98 -21.35
C PHE B 196 3.02 -4.42 -22.14
N ILE B 197 2.66 -5.06 -23.24
CA ILE B 197 1.56 -4.57 -24.07
C ILE B 197 0.25 -5.16 -23.57
N THR B 198 -0.68 -4.29 -23.16
CA THR B 198 -1.96 -4.72 -22.65
C THR B 198 -2.87 -5.18 -23.79
N SER B 199 -3.48 -6.35 -23.62
CA SER B 199 -4.50 -6.87 -24.54
C SER B 199 -3.93 -7.27 -25.90
N ALA B 200 -2.63 -7.54 -25.98
CA ALA B 200 -2.02 -7.84 -27.28
C ALA B 200 -2.59 -9.12 -27.89
N ASP B 201 -3.08 -10.03 -27.06
CA ASP B 201 -4.00 -11.07 -27.50
C ASP B 201 -5.14 -11.17 -26.50
N SER B 202 -6.31 -11.57 -26.99
CA SER B 202 -7.54 -11.54 -26.19
C SER B 202 -8.42 -12.73 -26.52
N ASP B 203 -7.80 -13.89 -26.74
CA ASP B 203 -8.56 -15.14 -26.94
C ASP B 203 -9.49 -14.91 -28.14
N ASP B 204 -10.75 -15.32 -28.05
CA ASP B 204 -11.70 -15.18 -29.15
C ASP B 204 -12.72 -14.08 -28.88
N LEU B 205 -12.35 -13.07 -28.08
CA LEU B 205 -13.27 -11.98 -27.80
C LEU B 205 -13.60 -11.21 -29.08
N PHE B 206 -12.62 -11.04 -29.96
CA PHE B 206 -12.77 -10.17 -31.13
C PHE B 206 -12.35 -10.88 -32.40
N GLU B 207 -12.84 -10.32 -33.50
CA GLU B 207 -12.51 -10.74 -34.86
C GLU B 207 -11.08 -10.38 -35.24
N ASN B 208 -10.56 -9.29 -34.70
CA ASN B 208 -9.27 -8.75 -35.09
C ASN B 208 -8.81 -7.83 -33.97
N ILE B 209 -7.54 -7.44 -34.02
CA ILE B 209 -6.95 -6.48 -33.10
C ILE B 209 -6.16 -5.45 -33.91
N MET B 210 -6.41 -4.18 -33.63
CA MET B 210 -5.64 -3.09 -34.21
C MET B 210 -4.51 -2.74 -33.24
N HIS B 211 -3.27 -3.05 -33.63
CA HIS B 211 -2.11 -2.58 -32.87
C HIS B 211 -1.69 -1.22 -33.43
N LEU B 212 -1.63 -0.21 -32.56
CA LEU B 212 -1.08 1.09 -32.91
C LEU B 212 0.35 1.13 -32.37
N VAL B 213 1.32 1.09 -33.28
CA VAL B 213 2.71 0.80 -32.94
C VAL B 213 3.56 2.02 -33.25
N LEU B 214 4.31 2.48 -32.25
CA LEU B 214 5.36 3.47 -32.47
C LEU B 214 6.61 2.75 -32.97
N ALA B 215 7.21 3.28 -34.02
CA ALA B 215 8.42 2.70 -34.59
C ALA B 215 9.20 3.79 -35.30
N ARG B 216 10.51 3.57 -35.43
CA ARG B 216 11.38 4.56 -36.04
C ARG B 216 11.65 4.17 -37.49
N PRO B 217 11.18 4.95 -38.47
CA PRO B 217 11.55 4.65 -39.86
C PRO B 217 13.05 4.58 -40.03
N GLU B 218 13.51 3.65 -40.85
CA GLU B 218 14.93 3.53 -41.13
C GLU B 218 15.52 4.89 -41.49
N GLY B 219 16.64 5.21 -40.87
CA GLY B 219 17.33 6.45 -41.15
C GLY B 219 16.71 7.70 -40.55
N ALA B 220 15.62 7.56 -39.81
CA ALA B 220 15.03 8.72 -39.13
C ALA B 220 15.91 9.15 -37.96
N GLY B 221 15.67 10.37 -37.49
CA GLY B 221 16.47 10.94 -36.44
C GLY B 221 16.20 10.28 -35.10
N PRO B 222 16.91 10.72 -34.08
CA PRO B 222 16.78 10.15 -32.75
C PRO B 222 15.69 10.83 -31.94
N GLY B 223 15.34 10.20 -30.81
CA GLY B 223 14.37 10.75 -29.91
C GLY B 223 12.93 10.48 -30.35
N THR B 224 12.01 11.08 -29.60
CA THR B 224 10.58 10.95 -29.91
C THR B 224 10.24 11.60 -31.24
N LYS B 225 10.97 12.65 -31.63
CA LYS B 225 10.66 13.34 -32.88
C LYS B 225 10.83 12.42 -34.08
N GLY B 226 11.73 11.44 -33.99
CA GLY B 226 11.97 10.53 -35.08
C GLY B 226 11.02 9.35 -35.17
N LEU B 227 10.01 9.29 -34.32
CA LEU B 227 9.11 8.15 -34.27
C LEU B 227 7.84 8.40 -35.10
N SER B 228 7.32 7.33 -35.67
CA SER B 228 6.07 7.37 -36.43
C SER B 228 5.12 6.33 -35.86
N LEU B 229 3.84 6.51 -36.16
CA LEU B 229 2.79 5.63 -35.67
C LEU B 229 2.22 4.82 -36.81
N PHE B 230 2.02 3.53 -36.58
CA PHE B 230 1.64 2.59 -37.61
C PHE B 230 0.44 1.75 -37.20
N PHE B 231 -0.48 1.59 -38.14
CA PHE B 231 -1.63 0.70 -37.98
C PHE B 231 -1.19 -0.71 -38.37
N VAL B 232 -1.14 -1.60 -37.38
CA VAL B 232 -0.63 -2.96 -37.58
C VAL B 232 -1.71 -3.93 -37.11
N PRO B 233 -2.51 -4.46 -38.01
CA PRO B 233 -3.59 -5.37 -37.59
C PRO B 233 -3.07 -6.77 -37.35
N LYS B 234 -3.71 -7.46 -36.40
CA LYS B 234 -3.38 -8.85 -36.12
C LYS B 234 -3.59 -9.71 -37.36
N PHE B 235 -4.73 -9.53 -38.02
CA PHE B 235 -5.04 -10.18 -39.29
C PHE B 235 -5.09 -9.12 -40.39
N HIS B 236 -4.51 -9.44 -41.54
CA HIS B 236 -4.86 -8.71 -42.75
C HIS B 236 -6.37 -8.86 -42.98
N PHE B 237 -6.95 -7.87 -43.65
CA PHE B 237 -8.39 -7.92 -43.91
C PHE B 237 -8.69 -7.22 -45.21
N ASP B 238 -9.86 -7.54 -45.76
CA ASP B 238 -10.37 -6.86 -46.95
C ASP B 238 -10.73 -5.42 -46.58
N HIS B 239 -10.03 -4.45 -47.18
CA HIS B 239 -10.21 -3.07 -46.79
C HIS B 239 -11.57 -2.51 -47.16
N GLU B 240 -12.31 -3.17 -48.05
CA GLU B 240 -13.64 -2.71 -48.42
C GLU B 240 -14.72 -3.37 -47.55
N THR B 241 -14.64 -4.68 -47.36
CA THR B 241 -15.68 -5.43 -46.66
C THR B 241 -15.39 -5.66 -45.18
N GLY B 242 -14.11 -5.71 -44.80
CA GLY B 242 -13.74 -6.10 -43.45
C GLY B 242 -13.50 -7.59 -43.27
N GLU B 243 -13.75 -8.39 -44.29
CA GLU B 243 -13.53 -9.83 -44.21
C GLU B 243 -12.10 -10.14 -43.80
N ILE B 244 -11.94 -10.98 -42.78
CA ILE B 244 -10.64 -11.25 -42.20
C ILE B 244 -9.83 -12.17 -43.12
N GLY B 245 -8.56 -11.83 -43.33
CA GLY B 245 -7.71 -12.61 -44.18
C GLY B 245 -6.53 -13.23 -43.46
N GLU B 246 -5.35 -13.12 -44.07
CA GLU B 246 -4.17 -13.84 -43.60
C GLU B 246 -3.61 -13.21 -42.32
N ARG B 247 -3.07 -14.07 -41.44
CA ARG B 247 -2.45 -13.60 -40.22
C ARG B 247 -1.25 -12.71 -40.53
N ASN B 248 -1.24 -11.52 -39.93
CA ASN B 248 -0.13 -10.59 -40.04
C ASN B 248 0.97 -11.01 -39.05
N GLY B 249 2.18 -10.53 -39.31
CA GLY B 249 3.37 -11.04 -38.63
C GLY B 249 3.67 -10.41 -37.28
N VAL B 250 2.67 -10.39 -36.39
CA VAL B 250 2.78 -9.74 -35.09
C VAL B 250 2.26 -10.74 -34.06
N PHE B 251 3.16 -11.24 -33.21
CA PHE B 251 2.86 -12.39 -32.37
C PHE B 251 3.25 -12.13 -30.93
N VAL B 252 2.34 -12.45 -30.01
CA VAL B 252 2.65 -12.46 -28.59
C VAL B 252 3.62 -13.60 -28.30
N THR B 253 4.70 -13.30 -27.60
CA THR B 253 5.70 -14.30 -27.28
C THR B 253 5.91 -14.46 -25.78
N ASN B 254 5.17 -13.72 -24.96
CA ASN B 254 5.17 -13.95 -23.52
C ASN B 254 3.99 -13.22 -22.91
N VAL B 255 3.52 -13.73 -21.77
CA VAL B 255 2.48 -13.10 -20.97
C VAL B 255 2.98 -13.05 -19.53
N GLU B 256 2.96 -11.86 -18.94
CA GLU B 256 3.60 -11.64 -17.65
C GLU B 256 2.74 -12.17 -16.50
N HIS B 257 3.42 -12.60 -15.44
CA HIS B 257 2.78 -12.97 -14.18
C HIS B 257 2.83 -11.74 -13.28
N LYS B 258 1.67 -11.19 -12.95
CA LYS B 258 1.57 -9.89 -12.32
C LYS B 258 1.01 -9.99 -10.90
N MET B 259 1.29 -8.94 -10.12
CA MET B 259 0.74 -8.81 -8.77
C MET B 259 -0.78 -8.86 -8.80
N GLY B 260 -1.38 -8.18 -9.77
CA GLY B 260 -2.81 -8.06 -9.86
C GLY B 260 -3.20 -7.75 -11.30
N LEU B 261 -4.45 -7.32 -11.47
CA LEU B 261 -5.00 -7.15 -12.81
C LEU B 261 -4.65 -8.36 -13.67
N LYS B 262 -4.75 -9.55 -13.09
CA LYS B 262 -4.21 -10.73 -13.74
C LYS B 262 -4.96 -11.09 -15.03
N VAL B 263 -6.27 -10.82 -15.08
CA VAL B 263 -7.04 -11.23 -16.25
C VAL B 263 -6.76 -10.38 -17.47
N SER B 264 -6.02 -9.28 -17.32
CA SER B 264 -5.57 -8.47 -18.44
C SER B 264 -4.24 -9.01 -18.93
N ALA B 265 -4.24 -9.64 -20.10
CA ALA B 265 -3.02 -10.23 -20.65
C ALA B 265 -2.02 -9.12 -20.98
N THR B 266 -0.91 -9.11 -20.25
CA THR B 266 0.17 -8.13 -20.43
C THR B 266 1.32 -8.83 -21.13
N CYS B 267 1.61 -8.42 -22.36
CA CYS B 267 2.29 -9.27 -23.32
C CYS B 267 3.58 -8.65 -23.85
N GLU B 268 4.58 -9.51 -24.05
CA GLU B 268 5.66 -9.24 -24.98
C GLU B 268 5.15 -9.48 -26.40
N LEU B 269 5.38 -8.52 -27.29
CA LEU B 269 4.86 -8.55 -28.65
C LEU B 269 6.01 -8.50 -29.63
N SER B 270 6.11 -9.52 -30.49
CA SER B 270 7.19 -9.64 -31.46
C SER B 270 6.66 -9.30 -32.85
N LEU B 271 7.29 -8.32 -33.50
CA LEU B 271 6.89 -7.87 -34.84
C LEU B 271 7.97 -8.29 -35.83
N GLY B 272 7.58 -9.08 -36.82
CA GLY B 272 8.51 -9.46 -37.88
C GLY B 272 9.66 -10.34 -37.45
N GLN B 273 9.48 -11.13 -36.39
CA GLN B 273 10.52 -12.00 -35.88
C GLN B 273 10.31 -13.47 -36.22
N HIS B 274 9.17 -13.82 -36.82
CA HIS B 274 8.81 -15.21 -37.08
C HIS B 274 8.71 -15.51 -38.57
N GLY B 275 9.54 -14.84 -39.37
CA GLY B 275 9.57 -15.09 -40.80
C GLY B 275 8.37 -14.55 -41.56
N ILE B 276 7.50 -13.81 -40.91
CA ILE B 276 6.31 -13.22 -41.53
C ILE B 276 6.38 -11.72 -41.33
N PRO B 277 6.28 -10.90 -42.38
CA PRO B 277 6.32 -9.45 -42.17
C PRO B 277 5.17 -8.97 -41.30
N ALA B 278 5.48 -8.05 -40.39
CA ALA B 278 4.48 -7.27 -39.67
C ALA B 278 4.21 -6.04 -40.53
N VAL B 279 3.18 -6.13 -41.37
CA VAL B 279 2.85 -5.01 -42.26
C VAL B 279 2.17 -3.92 -41.46
N GLY B 280 2.65 -2.70 -41.62
CA GLY B 280 2.05 -1.55 -40.97
C GLY B 280 1.79 -0.46 -41.98
N TRP B 281 0.74 0.32 -41.70
CA TRP B 281 0.35 1.46 -42.51
C TRP B 281 0.58 2.73 -41.70
N LEU B 282 1.28 3.69 -42.29
CA LEU B 282 1.58 4.95 -41.62
C LEU B 282 0.30 5.72 -41.33
N VAL B 283 0.04 5.99 -40.04
CA VAL B 283 -1.20 6.64 -39.65
C VAL B 283 -1.25 8.05 -40.23
N GLY B 284 -2.33 8.35 -40.94
CA GLY B 284 -2.44 9.62 -41.63
C GLY B 284 -1.47 9.79 -42.78
N GLU B 285 -0.69 8.76 -43.10
CA GLU B 285 0.37 8.84 -44.10
C GLU B 285 1.25 10.07 -43.88
N VAL B 286 1.49 10.39 -42.61
CA VAL B 286 2.43 11.44 -42.23
C VAL B 286 3.30 10.89 -41.10
N HIS B 287 4.49 11.46 -40.93
CA HIS B 287 5.46 11.11 -39.87
C HIS B 287 5.23 12.07 -38.70
N ASN B 288 4.36 11.72 -37.76
CA ASN B 288 3.98 12.55 -36.59
C ASN B 288 3.59 11.62 -35.43
N GLY B 289 4.44 10.64 -35.18
CA GLY B 289 4.23 9.53 -34.24
C GLY B 289 3.84 9.94 -32.84
N ILE B 290 4.69 10.63 -32.13
CA ILE B 290 4.44 10.89 -30.72
C ILE B 290 3.26 11.85 -30.55
N ALA B 291 3.05 12.76 -31.49
CA ALA B 291 1.86 13.61 -31.43
C ALA B 291 0.60 12.78 -31.59
N GLN B 292 0.57 11.88 -32.58
CA GLN B 292 -0.59 11.03 -32.78
C GLN B 292 -0.80 10.10 -31.59
N MET B 293 0.28 9.48 -31.10
CA MET B 293 0.15 8.52 -30.01
C MET B 293 -0.35 9.18 -28.73
N PHE B 294 -0.07 10.47 -28.54
CA PHE B 294 -0.49 11.11 -27.31
C PHE B 294 -2.00 11.31 -27.24
N ASP B 295 -2.71 11.26 -28.38
CA ASP B 295 -4.16 11.11 -28.32
C ASP B 295 -4.54 9.84 -27.58
N VAL B 296 -3.78 8.76 -27.82
CA VAL B 296 -4.02 7.48 -27.16
C VAL B 296 -3.59 7.54 -25.70
N ILE B 297 -2.43 8.15 -25.45
CA ILE B 297 -1.89 8.20 -24.08
C ILE B 297 -2.81 9.00 -23.17
N GLU B 298 -3.34 10.12 -23.67
CA GLU B 298 -4.21 10.95 -22.85
C GLU B 298 -5.46 10.19 -22.45
N GLN B 299 -6.04 9.42 -23.38
CA GLN B 299 -7.18 8.59 -23.04
C GLN B 299 -6.81 7.53 -22.01
N ALA B 300 -5.64 6.91 -22.19
CA ALA B 300 -5.19 5.89 -21.25
C ALA B 300 -4.97 6.47 -19.86
N ARG B 301 -4.43 7.69 -19.79
CA ARG B 301 -4.17 8.32 -18.50
C ARG B 301 -5.46 8.69 -17.81
N MET B 302 -6.45 9.17 -18.57
CA MET B 302 -7.77 9.43 -17.99
C MET B 302 -8.40 8.14 -17.48
N MET B 303 -8.26 7.05 -18.25
CA MET B 303 -8.84 5.77 -17.85
C MET B 303 -8.19 5.26 -16.58
N VAL B 304 -6.86 5.32 -16.50
CA VAL B 304 -6.15 4.79 -15.33
C VAL B 304 -6.54 5.56 -14.08
N GLY B 305 -6.54 6.90 -14.16
CA GLY B 305 -6.96 7.69 -13.03
C GLY B 305 -8.39 7.37 -12.60
N THR B 306 -9.30 7.29 -13.57
CA THR B 306 -10.68 6.95 -13.25
C THR B 306 -10.80 5.55 -12.68
N LYS B 307 -9.94 4.63 -13.15
CA LYS B 307 -9.93 3.27 -12.61
C LYS B 307 -9.54 3.28 -11.13
N ALA B 308 -8.45 3.97 -10.79
CA ALA B 308 -8.04 4.08 -9.39
C ALA B 308 -9.17 4.63 -8.53
N ILE B 309 -9.86 5.65 -9.02
CA ILE B 309 -10.91 6.30 -8.25
C ILE B 309 -12.11 5.37 -8.09
N ALA B 310 -12.48 4.67 -9.16
CA ALA B 310 -13.59 3.71 -9.08
C ALA B 310 -13.28 2.62 -8.07
N THR B 311 -12.02 2.19 -8.00
CA THR B 311 -11.64 1.09 -7.12
C THR B 311 -11.65 1.52 -5.66
N LEU B 312 -11.15 2.73 -5.38
CA LEU B 312 -11.22 3.25 -4.03
C LEU B 312 -12.66 3.39 -3.56
N SER B 313 -13.55 3.85 -4.45
CA SER B 313 -14.95 4.06 -4.08
C SER B 313 -15.61 2.76 -3.63
N THR B 314 -15.47 1.69 -4.43
CA THR B 314 -16.06 0.43 -4.02
C THR B 314 -15.30 -0.17 -2.84
N GLY B 315 -13.99 0.11 -2.73
CA GLY B 315 -13.28 -0.26 -1.53
C GLY B 315 -13.86 0.39 -0.28
N TYR B 316 -14.12 1.69 -0.36
CA TYR B 316 -14.71 2.40 0.77
C TYR B 316 -16.10 1.85 1.11
N LEU B 317 -16.94 1.64 0.10
CA LEU B 317 -18.31 1.22 0.38
C LEU B 317 -18.35 -0.19 0.94
N ASN B 318 -17.41 -1.05 0.55
CA ASN B 318 -17.30 -2.36 1.18
C ASN B 318 -16.90 -2.23 2.65
N ALA B 319 -15.91 -1.40 2.94
CA ALA B 319 -15.48 -1.20 4.32
C ALA B 319 -16.60 -0.59 5.16
N LEU B 320 -17.33 0.37 4.60
CA LEU B 320 -18.45 0.97 5.33
C LEU B 320 -19.50 -0.08 5.67
N GLU B 321 -19.93 -0.86 4.66
CA GLU B 321 -20.92 -1.90 4.90
C GLU B 321 -20.45 -2.86 5.98
N TYR B 322 -19.16 -3.22 5.97
CA TYR B 322 -18.63 -4.11 7.00
C TYR B 322 -18.68 -3.44 8.38
N ALA B 323 -18.21 -2.20 8.46
CA ALA B 323 -18.14 -1.52 9.75
C ALA B 323 -19.52 -1.38 10.39
N LYS B 324 -20.55 -1.18 9.56
CA LYS B 324 -21.91 -1.02 10.10
C LYS B 324 -22.41 -2.28 10.78
N GLU B 325 -21.90 -3.44 10.37
CA GLU B 325 -22.40 -4.71 10.87
C GLU B 325 -21.50 -5.35 11.91
N ARG B 326 -20.20 -5.02 11.91
CA ARG B 326 -19.24 -5.68 12.79
C ARG B 326 -19.40 -5.14 14.21
N VAL B 327 -19.69 -6.04 15.15
CA VAL B 327 -19.81 -5.70 16.57
C VAL B 327 -18.50 -6.06 17.26
N GLN B 328 -17.83 -5.07 17.84
CA GLN B 328 -16.55 -5.33 18.51
C GLN B 328 -16.23 -4.17 19.43
N GLY B 329 -16.07 -4.47 20.72
CA GLY B 329 -15.65 -3.49 21.68
C GLY B 329 -16.81 -2.64 22.20
N ALA B 330 -16.57 -2.02 23.36
CA ALA B 330 -17.51 -1.09 23.94
C ALA B 330 -17.26 0.32 23.44
N ASP B 331 -18.26 1.18 23.58
CA ASP B 331 -18.08 2.58 23.25
C ASP B 331 -16.97 3.16 24.11
N MET B 332 -16.16 4.04 23.51
CA MET B 332 -14.98 4.54 24.21
C MET B 332 -15.35 5.31 25.47
N THR B 333 -16.56 5.88 25.51
CA THR B 333 -17.03 6.50 26.74
C THR B 333 -17.26 5.49 27.85
N GLN B 334 -17.21 4.19 27.54
CA GLN B 334 -17.49 3.13 28.50
C GLN B 334 -16.33 2.14 28.61
N MET B 335 -15.11 2.56 28.28
CA MET B 335 -14.04 1.57 28.15
C MET B 335 -13.64 0.97 29.50
N THR B 336 -13.74 1.76 30.58
CA THR B 336 -13.41 1.22 31.90
C THR B 336 -14.37 0.12 32.33
N ASP B 337 -15.63 0.20 31.90
CA ASP B 337 -16.65 -0.75 32.34
C ASP B 337 -16.49 -2.04 31.54
N LYS B 338 -16.12 -3.11 32.24
CA LYS B 338 -15.93 -4.45 31.67
C LYS B 338 -17.24 -5.12 31.30
N THR B 339 -18.37 -4.51 31.63
CA THR B 339 -19.69 -5.09 31.33
C THR B 339 -20.50 -4.19 30.40
N ALA B 340 -19.89 -3.17 29.82
CA ALA B 340 -20.63 -2.26 28.96
C ALA B 340 -21.10 -2.99 27.69
N PRO B 341 -22.16 -2.50 27.06
CA PRO B 341 -22.61 -3.11 25.81
C PRO B 341 -21.53 -3.03 24.74
N ARG B 342 -21.46 -4.07 23.92
CA ARG B 342 -20.61 -4.02 22.73
C ARG B 342 -21.37 -3.31 21.60
N VAL B 343 -20.62 -2.58 20.78
CA VAL B 343 -21.19 -1.70 19.78
C VAL B 343 -20.62 -2.03 18.42
N THR B 344 -21.38 -1.67 17.38
CA THR B 344 -20.84 -1.74 16.02
C THR B 344 -19.67 -0.78 15.90
N ILE B 345 -18.66 -1.17 15.10
CA ILE B 345 -17.39 -0.47 15.13
C ILE B 345 -17.45 0.91 14.50
N THR B 346 -18.54 1.26 13.82
CA THR B 346 -18.70 2.65 13.40
C THR B 346 -18.79 3.60 14.58
N HIS B 347 -19.01 3.09 15.79
CA HIS B 347 -19.04 3.93 16.98
C HIS B 347 -17.64 4.35 17.43
N HIS B 348 -16.61 3.67 16.95
CA HIS B 348 -15.27 3.94 17.46
C HIS B 348 -14.62 5.11 16.69
N PRO B 349 -13.95 6.02 17.40
CA PRO B 349 -13.40 7.20 16.71
C PRO B 349 -12.43 6.89 15.58
N ASP B 350 -11.49 5.96 15.79
CA ASP B 350 -10.51 5.70 14.73
C ASP B 350 -11.17 5.13 13.48
N VAL B 351 -12.27 4.39 13.65
CA VAL B 351 -12.99 3.86 12.50
C VAL B 351 -13.69 4.97 11.74
N ARG B 352 -14.28 5.93 12.46
CA ARG B 352 -14.92 7.06 11.80
C ARG B 352 -13.87 7.95 11.13
N ARG B 353 -12.70 8.11 11.75
CA ARG B 353 -11.61 8.82 11.10
C ARG B 353 -11.21 8.12 9.80
N SER B 354 -11.01 6.80 9.87
CA SER B 354 -10.65 6.03 8.67
C SER B 354 -11.72 6.16 7.61
N LEU B 355 -12.99 5.92 7.98
CA LEU B 355 -14.08 5.96 7.01
C LEU B 355 -14.22 7.34 6.38
N MET B 356 -14.12 8.41 7.17
CA MET B 356 -14.25 9.75 6.61
C MET B 356 -13.05 10.10 5.74
N THR B 357 -11.87 9.57 6.07
CA THR B 357 -10.71 9.72 5.20
C THR B 357 -10.96 9.04 3.86
N GLN B 358 -11.46 7.79 3.90
CA GLN B 358 -11.81 7.09 2.68
C GLN B 358 -12.87 7.87 1.90
N LYS B 359 -13.94 8.28 2.59
CA LYS B 359 -15.05 8.97 1.93
C LYS B 359 -14.59 10.26 1.26
N ALA B 360 -13.88 11.10 2.01
CA ALA B 360 -13.50 12.42 1.48
C ALA B 360 -12.62 12.30 0.25
N TYR B 361 -11.67 11.36 0.27
CA TYR B 361 -10.78 11.22 -0.88
C TYR B 361 -11.48 10.55 -2.05
N ALA B 362 -12.31 9.53 -1.79
CA ALA B 362 -13.04 8.90 -2.88
C ALA B 362 -13.98 9.88 -3.57
N GLU B 363 -14.71 10.69 -2.78
CA GLU B 363 -15.66 11.64 -3.35
C GLU B 363 -14.97 12.86 -3.91
N GLY B 364 -13.88 13.32 -3.27
CA GLY B 364 -13.09 14.39 -3.85
C GLY B 364 -12.45 13.98 -5.17
N LEU B 365 -11.98 12.74 -5.25
CA LEU B 365 -11.40 12.26 -6.50
C LEU B 365 -12.47 12.11 -7.58
N ARG B 366 -13.66 11.62 -7.21
CA ARG B 366 -14.73 11.57 -8.21
C ARG B 366 -15.02 12.95 -8.76
N ALA B 367 -15.05 13.97 -7.89
CA ALA B 367 -15.29 15.32 -8.36
C ALA B 367 -14.18 15.80 -9.27
N ILE B 368 -12.93 15.39 -9.00
CA ILE B 368 -11.80 15.83 -9.80
C ILE B 368 -11.93 15.32 -11.24
N TYR B 369 -12.19 14.02 -11.40
CA TYR B 369 -12.20 13.48 -12.76
C TYR B 369 -13.44 13.95 -13.53
N LEU B 370 -14.56 14.16 -12.85
CA LEU B 370 -15.73 14.73 -13.53
C LEU B 370 -15.50 16.19 -13.87
N TYR B 371 -14.93 16.96 -12.94
CA TYR B 371 -14.52 18.34 -13.24
C TYR B 371 -13.58 18.38 -14.43
N THR B 372 -12.58 17.50 -14.45
CA THR B 372 -11.66 17.43 -15.59
C THR B 372 -12.42 17.16 -16.88
N ALA B 373 -13.37 16.24 -16.84
CA ALA B 373 -14.11 15.88 -18.04
C ALA B 373 -15.00 17.01 -18.57
N THR B 374 -15.40 17.96 -17.71
CA THR B 374 -16.20 19.07 -18.20
C THR B 374 -15.42 20.00 -19.13
N PHE B 375 -14.08 19.89 -19.13
CA PHE B 375 -13.25 20.69 -20.03
C PHE B 375 -12.88 19.92 -21.29
N GLN B 376 -13.36 18.69 -21.46
CA GLN B 376 -13.03 17.86 -22.60
C GLN B 376 -14.00 18.04 -23.76
N ASP B 377 -15.12 18.74 -23.54
CA ASP B 377 -15.98 19.21 -24.61
C ASP B 377 -16.02 20.73 -24.56
N ALA B 378 -15.77 21.37 -25.71
CA ALA B 378 -15.82 22.82 -25.76
C ALA B 378 -17.21 23.33 -25.38
N GLU B 379 -18.26 22.64 -25.82
CA GLU B 379 -19.61 23.09 -25.54
C GLU B 379 -19.94 22.99 -24.06
N VAL B 380 -19.45 21.95 -23.38
CA VAL B 380 -19.69 21.82 -21.94
C VAL B 380 -18.89 22.87 -21.18
N ALA B 381 -17.61 23.01 -21.52
CA ALA B 381 -16.77 24.00 -20.85
C ALA B 381 -17.36 25.40 -20.99
N GLN B 382 -17.88 25.73 -22.17
CA GLN B 382 -18.51 27.03 -22.36
C GLN B 382 -19.79 27.15 -21.55
N ALA B 383 -20.61 26.10 -21.52
CA ALA B 383 -21.91 26.18 -20.88
C ALA B 383 -21.80 26.23 -19.37
N VAL B 384 -20.89 25.45 -18.79
CA VAL B 384 -20.86 25.31 -17.32
C VAL B 384 -19.81 26.22 -16.70
N HIS B 385 -18.72 26.50 -17.42
CA HIS B 385 -17.65 27.32 -16.90
C HIS B 385 -17.50 28.67 -17.58
N GLY B 386 -18.01 28.83 -18.79
CA GLY B 386 -17.82 30.06 -19.53
C GLY B 386 -16.40 30.26 -20.05
N VAL B 387 -15.69 29.18 -20.35
CA VAL B 387 -14.34 29.25 -20.88
C VAL B 387 -14.35 28.79 -22.33
N ASP B 388 -13.55 29.44 -23.16
CA ASP B 388 -13.48 29.13 -24.58
C ASP B 388 -12.72 27.83 -24.81
N GLY B 389 -12.67 27.41 -26.08
CA GLY B 389 -12.10 26.10 -26.40
C GLY B 389 -10.62 25.99 -26.07
N ASP B 390 -9.84 27.02 -26.40
CA ASP B 390 -8.40 26.95 -26.18
C ASP B 390 -8.08 26.81 -24.70
N LEU B 391 -8.65 27.68 -23.86
CA LEU B 391 -8.41 27.57 -22.42
C LEU B 391 -8.91 26.25 -21.88
N ALA B 392 -10.07 25.78 -22.35
CA ALA B 392 -10.60 24.50 -21.90
C ALA B 392 -9.61 23.38 -22.18
N ALA B 393 -9.02 23.36 -23.37
CA ALA B 393 -8.04 22.33 -23.71
C ALA B 393 -6.82 22.42 -22.80
N ARG B 394 -6.40 23.65 -22.46
CA ARG B 394 -5.26 23.83 -21.58
C ARG B 394 -5.57 23.33 -20.17
N VAL B 395 -6.81 23.55 -19.70
CA VAL B 395 -7.16 23.16 -18.35
C VAL B 395 -7.29 21.64 -18.24
N ASN B 396 -7.92 21.01 -19.24
CA ASN B 396 -7.95 19.56 -19.28
C ASN B 396 -6.54 18.99 -19.27
N ASP B 397 -5.66 19.56 -20.10
CA ASP B 397 -4.27 19.09 -20.14
C ASP B 397 -3.60 19.24 -18.78
N LEU B 398 -3.89 20.34 -18.06
CA LEU B 398 -3.33 20.53 -16.74
C LEU B 398 -3.83 19.47 -15.76
N LEU B 399 -5.10 19.10 -15.88
CA LEU B 399 -5.73 18.25 -14.87
C LEU B 399 -5.46 16.76 -15.08
N LEU B 400 -5.15 16.34 -16.30
CA LEU B 400 -4.94 14.92 -16.57
C LEU B 400 -3.87 14.31 -15.67
N PRO B 401 -2.69 14.91 -15.51
CA PRO B 401 -1.70 14.31 -14.59
C PRO B 401 -2.14 14.29 -13.15
N ILE B 402 -3.07 15.17 -12.74
CA ILE B 402 -3.67 15.07 -11.42
C ILE B 402 -4.59 13.86 -11.35
N VAL B 403 -5.51 13.73 -12.30
CA VAL B 403 -6.38 12.56 -12.37
C VAL B 403 -5.54 11.29 -12.34
N LYS B 404 -4.49 11.24 -13.16
CA LYS B 404 -3.67 10.04 -13.28
C LYS B 404 -2.74 9.88 -12.10
N GLY B 405 -1.85 10.86 -11.88
CA GLY B 405 -0.84 10.71 -10.86
C GLY B 405 -1.39 10.79 -9.46
N PHE B 406 -2.12 11.86 -9.15
CA PHE B 406 -2.71 12.01 -7.82
C PHE B 406 -3.79 10.95 -7.58
N GLY B 407 -4.59 10.66 -8.60
CA GLY B 407 -5.62 9.64 -8.43
C GLY B 407 -5.04 8.27 -8.11
N SER B 408 -4.05 7.84 -8.90
CA SER B 408 -3.47 6.51 -8.70
C SER B 408 -2.81 6.39 -7.34
N GLU B 409 -2.02 7.40 -6.94
CA GLU B 409 -1.31 7.33 -5.68
C GLU B 409 -2.27 7.37 -4.50
N THR B 410 -3.29 8.23 -4.57
CA THR B 410 -4.21 8.38 -3.46
C THR B 410 -5.07 7.14 -3.27
N ALA B 411 -5.60 6.57 -4.36
CA ALA B 411 -6.49 5.42 -4.25
C ALA B 411 -5.79 4.24 -3.59
N TYR B 412 -4.58 3.91 -4.06
CA TYR B 412 -3.84 2.81 -3.46
C TYR B 412 -3.58 3.06 -1.99
N ALA B 413 -3.22 4.29 -1.63
CA ALA B 413 -2.88 4.58 -0.23
C ALA B 413 -4.11 4.49 0.68
N LYS B 414 -5.25 5.00 0.23
CA LYS B 414 -6.44 4.98 1.08
C LYS B 414 -7.13 3.63 1.10
N LEU B 415 -6.93 2.79 0.08
CA LEU B 415 -7.40 1.42 0.18
C LEU B 415 -6.78 0.71 1.37
N THR B 416 -5.60 1.16 1.82
CA THR B 416 -5.02 0.62 3.04
C THR B 416 -5.96 0.83 4.22
N GLU B 417 -6.61 2.00 4.28
CA GLU B 417 -7.59 2.26 5.33
C GLU B 417 -8.82 1.37 5.15
N SER B 418 -9.27 1.18 3.91
CA SER B 418 -10.39 0.28 3.64
C SER B 418 -10.11 -1.11 4.19
N LEU B 419 -8.94 -1.68 3.86
CA LEU B 419 -8.61 -3.02 4.35
C LEU B 419 -8.50 -3.03 5.88
N GLN B 420 -7.87 -2.00 6.45
CA GLN B 420 -7.73 -1.93 7.91
C GLN B 420 -9.08 -1.95 8.61
N THR B 421 -10.11 -1.35 7.99
CA THR B 421 -11.42 -1.29 8.60
C THR B 421 -12.01 -2.67 8.83
N LEU B 422 -11.62 -3.65 8.01
CA LEU B 422 -12.10 -5.01 8.15
C LEU B 422 -11.34 -5.81 9.19
N GLY B 423 -10.30 -5.24 9.80
CA GLY B 423 -9.48 -5.98 10.73
C GLY B 423 -8.77 -7.14 10.04
N GLY B 424 -8.57 -8.22 10.81
CA GLY B 424 -7.91 -9.39 10.26
C GLY B 424 -8.60 -9.96 9.03
N SER B 425 -9.92 -9.85 8.97
CA SER B 425 -10.66 -10.33 7.81
C SER B 425 -10.26 -9.60 6.53
N GLY B 426 -9.75 -8.37 6.64
CA GLY B 426 -9.34 -7.63 5.45
C GLY B 426 -8.20 -8.29 4.72
N PHE B 427 -7.39 -9.08 5.42
CA PHE B 427 -6.29 -9.81 4.81
C PHE B 427 -6.74 -11.05 4.06
N LEU B 428 -8.03 -11.38 4.12
CA LEU B 428 -8.57 -12.57 3.48
C LEU B 428 -8.98 -12.28 2.04
N GLN B 429 -8.75 -13.25 1.16
CA GLN B 429 -9.28 -13.17 -0.19
C GLN B 429 -10.79 -13.31 -0.21
N ASP B 430 -11.40 -13.78 0.89
CA ASP B 430 -12.85 -13.83 0.98
C ASP B 430 -13.49 -12.47 0.72
N TYR B 431 -12.78 -11.40 1.05
CA TYR B 431 -13.24 -10.04 0.82
C TYR B 431 -12.44 -9.40 -0.33
N PRO B 432 -13.04 -8.43 -1.03
CA PRO B 432 -12.43 -7.95 -2.28
C PRO B 432 -11.32 -6.93 -2.11
N ILE B 433 -11.06 -6.45 -0.90
CA ILE B 433 -10.19 -5.29 -0.76
C ILE B 433 -8.73 -5.64 -1.04
N GLU B 434 -8.29 -6.85 -0.70
CA GLU B 434 -6.90 -7.20 -1.01
C GLU B 434 -6.68 -7.28 -2.52
N GLN B 435 -7.70 -7.70 -3.28
CA GLN B 435 -7.55 -7.68 -4.73
C GLN B 435 -7.61 -6.25 -5.27
N TYR B 436 -8.47 -5.41 -4.69
CA TYR B 436 -8.47 -3.99 -5.07
C TYR B 436 -7.07 -3.41 -4.95
N ILE B 437 -6.37 -3.73 -3.86
CA ILE B 437 -5.04 -3.20 -3.62
C ILE B 437 -4.08 -3.71 -4.69
N ARG B 438 -4.09 -5.02 -4.94
CA ARG B 438 -3.19 -5.59 -5.94
C ARG B 438 -3.50 -5.05 -7.34
N ASP B 439 -4.79 -5.01 -7.70
CA ASP B 439 -5.18 -4.53 -9.02
C ASP B 439 -4.84 -3.06 -9.20
N SER B 440 -4.79 -2.29 -8.11
CA SER B 440 -4.59 -0.84 -8.16
C SER B 440 -3.12 -0.42 -8.18
N LYS B 441 -2.23 -1.28 -7.71
CA LYS B 441 -0.80 -0.88 -7.61
C LYS B 441 -0.26 -0.52 -9.00
N ILE B 442 -0.75 -1.13 -10.08
CA ILE B 442 -0.25 -0.85 -11.41
C ILE B 442 -0.56 0.57 -11.87
N ASP B 443 -1.56 1.22 -11.25
CA ASP B 443 -2.01 2.52 -11.74
C ASP B 443 -0.95 3.60 -11.59
N SER B 444 -0.01 3.46 -10.64
CA SER B 444 1.09 4.41 -10.50
C SER B 444 2.21 4.16 -11.50
N LEU B 445 2.07 3.16 -12.38
CA LEU B 445 3.13 2.73 -13.28
C LEU B 445 2.74 2.81 -14.75
N TYR B 446 1.70 2.06 -15.19
N TYR B 446 1.73 2.05 -15.18
CA TYR B 446 1.41 2.08 -16.64
CA TYR B 446 1.21 2.03 -16.57
C TYR B 446 0.88 3.46 -17.04
C TYR B 446 0.90 3.46 -17.03
N ALA B 447 1.01 3.75 -18.34
CA ALA B 447 0.65 5.03 -18.95
C ALA B 447 1.45 6.18 -18.35
N GLY B 448 2.67 5.89 -17.91
CA GLY B 448 3.55 6.92 -17.37
C GLY B 448 3.57 6.95 -15.86
N THR B 449 4.74 6.73 -15.27
CA THR B 449 4.84 6.67 -13.81
C THR B 449 4.45 8.00 -13.18
N THR B 450 4.22 7.95 -11.87
CA THR B 450 3.91 9.17 -11.12
C THR B 450 4.96 10.24 -11.36
N ALA B 451 6.25 9.87 -11.33
CA ALA B 451 7.30 10.85 -11.58
C ALA B 451 7.13 11.49 -12.96
N ILE B 452 6.78 10.69 -13.96
CA ILE B 452 6.55 11.25 -15.30
C ILE B 452 5.32 12.15 -15.29
N GLN B 453 4.26 11.76 -14.58
CA GLN B 453 3.11 12.64 -14.44
C GLN B 453 3.52 13.98 -13.84
N ALA B 454 4.34 13.95 -12.79
CA ALA B 454 4.72 15.18 -12.11
C ALA B 454 5.61 16.06 -12.97
N GLN B 455 6.46 15.45 -13.81
CA GLN B 455 7.31 16.23 -14.69
C GLN B 455 6.51 16.83 -15.84
N ASP B 456 5.58 16.05 -16.40
CA ASP B 456 4.64 16.58 -17.38
C ASP B 456 3.83 17.74 -16.80
N PHE B 457 3.31 17.56 -15.59
CA PHE B 457 2.51 18.59 -14.94
C PHE B 457 3.28 19.90 -14.85
N PHE B 458 4.49 19.87 -14.31
CA PHE B 458 5.23 21.10 -14.09
C PHE B 458 5.79 21.68 -15.38
N PHE B 459 6.58 20.89 -16.11
CA PHE B 459 7.32 21.45 -17.24
C PHE B 459 6.40 21.75 -18.41
N ARG B 460 5.46 20.84 -18.72
CA ARG B 460 4.62 21.03 -19.90
C ARG B 460 3.33 21.76 -19.59
N LYS B 461 2.65 21.39 -18.50
CA LYS B 461 1.31 21.91 -18.24
C LYS B 461 1.32 23.21 -17.44
N ILE B 462 2.47 23.63 -16.91
CA ILE B 462 2.55 24.91 -16.23
C ILE B 462 3.57 25.80 -16.94
N ILE B 463 4.84 25.39 -16.96
CA ILE B 463 5.89 26.23 -17.55
C ILE B 463 5.61 26.48 -19.03
N ARG B 464 5.59 25.41 -19.83
CA ARG B 464 5.34 25.57 -21.26
C ARG B 464 4.01 26.25 -21.52
N ASP B 465 3.04 26.08 -20.62
CA ASP B 465 1.73 26.72 -20.73
C ASP B 465 1.74 28.17 -20.26
N LYS B 466 2.87 28.66 -19.75
CA LYS B 466 2.98 30.02 -19.21
C LYS B 466 1.96 30.26 -18.10
N GLY B 467 1.61 29.21 -17.35
CA GLY B 467 0.77 29.33 -16.18
C GLY B 467 -0.67 29.71 -16.44
N GLN B 468 -1.14 29.65 -17.69
CA GLN B 468 -2.48 30.13 -17.99
C GLN B 468 -3.54 29.24 -17.36
N ALA B 469 -3.49 27.93 -17.62
CA ALA B 469 -4.48 27.03 -17.05
C ALA B 469 -4.42 27.04 -15.53
N LEU B 470 -3.21 27.00 -14.96
CA LEU B 470 -3.08 27.03 -13.51
C LEU B 470 -3.64 28.32 -12.93
N ALA B 471 -3.42 29.46 -13.60
CA ALA B 471 -3.97 30.72 -13.09
C ALA B 471 -5.49 30.71 -13.16
N TYR B 472 -6.05 30.11 -14.22
CA TYR B 472 -7.51 30.00 -14.30
C TYR B 472 -8.05 29.26 -13.09
N VAL B 473 -7.56 28.03 -12.85
CA VAL B 473 -8.04 27.24 -11.73
C VAL B 473 -7.82 27.99 -10.42
N ALA B 474 -6.65 28.60 -10.25
CA ALA B 474 -6.38 29.35 -9.03
C ALA B 474 -7.37 30.49 -8.84
N GLY B 475 -7.71 31.17 -9.94
CA GLY B 475 -8.71 32.22 -9.86
C GLY B 475 -10.07 31.71 -9.42
N GLU B 476 -10.44 30.49 -9.84
CA GLU B 476 -11.72 29.94 -9.42
C GLU B 476 -11.71 29.58 -7.94
N ILE B 477 -10.60 29.04 -7.45
CA ILE B 477 -10.50 28.76 -6.01
C ILE B 477 -10.55 30.05 -5.22
N GLU B 478 -9.85 31.08 -5.69
CA GLU B 478 -9.86 32.37 -5.01
C GLU B 478 -11.26 32.95 -4.95
N GLN B 479 -12.01 32.86 -6.05
CA GLN B 479 -13.36 33.42 -6.07
C GLN B 479 -14.28 32.65 -5.12
N PHE B 480 -14.11 31.34 -5.02
CA PHE B 480 -14.86 30.58 -4.04
C PHE B 480 -14.52 31.04 -2.62
N ILE B 481 -13.23 31.26 -2.35
CA ILE B 481 -12.82 31.69 -1.02
C ILE B 481 -13.45 33.03 -0.67
N LYS B 482 -13.56 33.91 -1.65
CA LYS B 482 -14.28 35.17 -1.47
C LYS B 482 -15.78 34.91 -1.49
N ASN B 483 -16.47 35.36 -0.44
CA ASN B 483 -17.92 35.18 -0.26
C ASN B 483 -18.21 33.86 0.44
N GLY B 488 -21.14 32.13 5.29
CA GLY B 488 -20.77 32.22 6.70
C GLY B 488 -20.47 30.88 7.34
N ARG B 489 -21.24 29.85 6.97
CA ARG B 489 -21.12 28.54 7.60
C ARG B 489 -19.93 27.74 7.09
N LEU B 490 -19.24 28.20 6.05
CA LEU B 490 -18.02 27.56 5.57
C LEU B 490 -16.80 28.46 5.74
N LYS B 491 -16.85 29.35 6.74
CA LYS B 491 -15.77 30.31 6.93
C LYS B 491 -14.45 29.60 7.25
N THR B 492 -14.47 28.67 8.19
CA THR B 492 -13.23 27.97 8.56
C THR B 492 -12.69 27.17 7.39
N GLU B 493 -13.59 26.55 6.60
CA GLU B 493 -13.15 25.82 5.41
C GLU B 493 -12.53 26.76 4.39
N ARG B 494 -13.13 27.94 4.19
CA ARG B 494 -12.58 28.90 3.24
C ARG B 494 -11.24 29.44 3.71
N GLU B 495 -11.07 29.64 5.02
CA GLU B 495 -9.77 30.07 5.54
C GLU B 495 -8.71 28.99 5.34
N LEU B 496 -9.07 27.73 5.59
CA LEU B 496 -8.12 26.64 5.38
C LEU B 496 -7.78 26.48 3.90
N LEU B 497 -8.75 26.72 3.02
CA LEU B 497 -8.48 26.69 1.59
C LEU B 497 -7.55 27.84 1.18
N ALA B 498 -7.77 29.03 1.75
CA ALA B 498 -6.91 30.16 1.43
C ALA B 498 -5.46 29.88 1.81
N THR B 499 -5.25 29.23 2.95
CA THR B 499 -3.90 28.84 3.32
C THR B 499 -3.34 27.81 2.36
N ALA B 500 -4.13 26.78 2.03
CA ALA B 500 -3.67 25.74 1.12
C ALA B 500 -3.37 26.32 -0.27
N LEU B 501 -4.24 27.20 -0.77
CA LEU B 501 -3.99 27.83 -2.05
C LEU B 501 -2.69 28.63 -2.03
N ALA B 502 -2.46 29.38 -0.95
CA ALA B 502 -1.22 30.12 -0.83
C ALA B 502 -0.02 29.18 -0.76
N ASP B 503 -0.18 28.05 -0.06
CA ASP B 503 0.90 27.08 0.01
C ASP B 503 1.26 26.56 -1.38
N VAL B 504 0.26 26.20 -2.17
CA VAL B 504 0.52 25.68 -3.52
C VAL B 504 1.18 26.75 -4.37
N GLN B 505 0.70 27.99 -4.29
CA GLN B 505 1.34 29.07 -5.03
C GLN B 505 2.78 29.24 -4.61
N GLY B 506 3.06 29.15 -3.30
CA GLY B 506 4.44 29.17 -2.84
C GLY B 506 5.26 28.04 -3.43
N MET B 507 4.69 26.83 -3.47
CA MET B 507 5.40 25.70 -4.06
C MET B 507 5.72 25.96 -5.52
N ALA B 508 4.74 26.43 -6.29
CA ALA B 508 4.96 26.68 -7.70
C ALA B 508 6.06 27.73 -7.90
N ALA B 509 6.05 28.79 -7.09
CA ALA B 509 7.06 29.82 -7.22
C ALA B 509 8.45 29.27 -6.92
N SER B 510 8.56 28.43 -5.88
CA SER B 510 9.86 27.87 -5.52
C SER B 510 10.41 27.00 -6.64
N LEU B 511 9.61 26.05 -7.13
CA LEU B 511 10.06 25.18 -8.20
C LEU B 511 10.40 26.00 -9.45
N THR B 512 9.54 26.95 -9.80
CA THR B 512 9.85 27.86 -10.90
C THR B 512 11.19 28.55 -10.66
N GLY B 513 11.44 28.98 -9.42
CA GLY B 513 12.71 29.61 -9.11
C GLY B 513 13.90 28.69 -9.32
N TYR B 514 13.79 27.44 -8.88
CA TYR B 514 14.86 26.48 -9.12
C TYR B 514 15.10 26.31 -10.61
N LEU B 515 14.03 26.29 -11.42
CA LEU B 515 14.20 26.19 -12.87
C LEU B 515 14.94 27.40 -13.40
N MET B 516 14.59 28.60 -12.93
CA MET B 516 15.29 29.80 -13.35
C MET B 516 16.76 29.75 -12.96
N ALA B 517 17.05 29.33 -11.73
CA ALA B 517 18.43 29.24 -11.27
C ALA B 517 19.26 28.28 -12.11
N ALA B 518 18.60 27.32 -12.78
CA ALA B 518 19.35 26.37 -13.60
C ALA B 518 20.02 27.05 -14.79
N GLN B 519 19.56 28.25 -15.17
CA GLN B 519 20.25 29.04 -16.18
C GLN B 519 21.70 29.28 -15.77
N GLU B 520 21.95 29.42 -14.48
CA GLU B 520 23.27 29.74 -13.93
C GLU B 520 24.00 28.50 -13.40
N ASP B 521 23.27 27.57 -12.79
CA ASP B 521 23.86 26.38 -12.19
C ASP B 521 22.95 25.22 -12.58
N ALA B 522 23.35 24.48 -13.62
CA ALA B 522 22.49 23.46 -14.19
C ALA B 522 21.96 22.50 -13.13
N ALA B 523 22.77 22.20 -12.12
CA ALA B 523 22.37 21.26 -11.07
C ALA B 523 21.11 21.72 -10.33
N SER B 524 20.81 23.02 -10.35
CA SER B 524 19.63 23.51 -9.65
C SER B 524 18.35 22.86 -10.17
N ILE B 525 18.36 22.35 -11.41
CA ILE B 525 17.16 21.71 -11.94
C ILE B 525 16.81 20.46 -11.15
N TYR B 526 17.79 19.83 -10.50
CA TYR B 526 17.50 18.64 -9.72
C TYR B 526 16.49 18.93 -8.61
N LYS B 527 16.49 20.16 -8.09
CA LYS B 527 15.53 20.50 -7.04
C LYS B 527 14.10 20.46 -7.56
N VAL B 528 13.89 20.82 -8.83
CA VAL B 528 12.57 20.65 -9.43
C VAL B 528 12.17 19.17 -9.41
N GLY B 529 13.10 18.30 -9.79
CA GLY B 529 12.83 16.87 -9.74
C GLY B 529 12.53 16.38 -8.34
N LEU B 530 13.31 16.86 -7.35
CA LEU B 530 13.10 16.42 -5.97
C LEU B 530 11.71 16.78 -5.46
N GLY B 531 11.16 17.91 -5.88
CA GLY B 531 9.92 18.39 -5.33
C GLY B 531 8.70 18.14 -6.20
N SER B 532 8.91 17.62 -7.41
CA SER B 532 7.84 17.60 -8.41
C SER B 532 6.67 16.73 -7.98
N VAL B 533 6.94 15.55 -7.41
CA VAL B 533 5.83 14.67 -7.03
C VAL B 533 5.05 15.24 -5.85
N ARG B 534 5.76 15.75 -4.84
CA ARG B 534 5.08 16.36 -3.70
C ARG B 534 4.24 17.55 -4.14
N PHE B 535 4.71 18.30 -5.14
CA PHE B 535 3.94 19.41 -5.69
C PHE B 535 2.67 18.90 -6.38
N LEU B 536 2.80 17.86 -7.20
CA LEU B 536 1.62 17.30 -7.86
C LEU B 536 0.60 16.82 -6.85
N MET B 537 1.04 16.16 -5.79
CA MET B 537 0.12 15.68 -4.77
C MET B 537 -0.52 16.83 -4.00
N ALA B 538 0.22 17.92 -3.79
CA ALA B 538 -0.34 19.08 -3.09
C ALA B 538 -1.47 19.72 -3.89
N VAL B 539 -1.27 19.90 -5.20
CA VAL B 539 -2.33 20.45 -6.04
C VAL B 539 -3.54 19.53 -6.03
N GLY B 540 -3.31 18.22 -6.03
CA GLY B 540 -4.42 17.28 -5.92
C GLY B 540 -5.20 17.46 -4.63
N ASP B 541 -4.50 17.61 -3.51
CA ASP B 541 -5.18 17.87 -2.23
C ASP B 541 -5.93 19.19 -2.27
N LEU B 542 -5.31 20.23 -2.84
CA LEU B 542 -5.98 21.52 -2.95
C LEU B 542 -7.26 21.41 -3.75
N LEU B 543 -7.20 20.76 -4.92
CA LEU B 543 -8.40 20.60 -5.74
C LEU B 543 -9.44 19.77 -5.02
N SER B 544 -9.02 18.70 -4.33
CA SER B 544 -9.96 17.88 -3.58
C SER B 544 -10.70 18.71 -2.53
N GLY B 545 -9.96 19.45 -1.71
CA GLY B 545 -10.60 20.27 -0.69
C GLY B 545 -11.50 21.33 -1.27
N TRP B 546 -11.09 21.95 -2.37
CA TRP B 546 -11.91 22.98 -3.00
C TRP B 546 -13.21 22.39 -3.54
N LEU B 547 -13.12 21.31 -4.31
CA LEU B 547 -14.32 20.73 -4.88
C LEU B 547 -15.22 20.12 -3.82
N LEU B 548 -14.65 19.56 -2.75
CA LEU B 548 -15.48 19.10 -1.64
C LEU B 548 -16.18 20.27 -0.98
N ALA B 549 -15.51 21.42 -0.87
CA ALA B 549 -16.13 22.60 -0.29
C ALA B 549 -17.25 23.13 -1.19
N ARG B 550 -17.03 23.13 -2.51
CA ARG B 550 -18.10 23.48 -3.43
C ARG B 550 -19.29 22.55 -3.27
N GLN B 551 -19.04 21.24 -3.14
CA GLN B 551 -20.11 20.30 -2.90
C GLN B 551 -20.84 20.62 -1.61
N ALA B 552 -20.10 21.00 -0.56
CA ALA B 552 -20.72 21.34 0.71
C ALA B 552 -21.61 22.57 0.58
N ALA B 553 -21.19 23.55 -0.22
CA ALA B 553 -22.02 24.74 -0.42
C ALA B 553 -23.34 24.37 -1.09
N VAL B 554 -23.30 23.48 -2.08
CA VAL B 554 -24.53 23.01 -2.71
C VAL B 554 -25.37 22.23 -1.70
N ALA B 555 -24.74 21.32 -0.96
CA ALA B 555 -25.45 20.57 0.06
C ALA B 555 -26.13 21.48 1.07
N ILE B 556 -25.46 22.56 1.47
CA ILE B 556 -26.06 23.50 2.41
C ILE B 556 -27.32 24.12 1.80
N GLU B 557 -27.25 24.50 0.52
CA GLU B 557 -28.42 25.07 -0.15
C GLU B 557 -29.58 24.09 -0.16
N LYS B 558 -29.30 22.82 -0.45
CA LYS B 558 -30.37 21.83 -0.53
C LYS B 558 -30.96 21.52 0.84
N LEU B 559 -30.12 21.51 1.88
CA LEU B 559 -30.63 21.28 3.23
C LEU B 559 -31.47 22.47 3.69
N ASP B 560 -30.97 23.69 3.50
CA ASP B 560 -31.74 24.88 3.82
C ASP B 560 -33.10 24.85 3.14
N ALA B 561 -33.16 24.34 1.90
CA ALA B 561 -34.41 24.33 1.15
C ALA B 561 -35.38 23.27 1.64
N GLY B 562 -34.90 22.28 2.39
CA GLY B 562 -35.78 21.33 3.06
C GLY B 562 -35.60 19.88 2.66
N ALA B 563 -34.37 19.48 2.34
CA ALA B 563 -34.12 18.08 2.01
C ALA B 563 -34.47 17.20 3.21
N THR B 564 -35.01 16.02 2.91
CA THR B 564 -35.41 15.06 3.93
C THR B 564 -34.81 13.70 3.60
N GLY B 565 -34.89 12.79 4.57
CA GLY B 565 -34.64 11.38 4.32
C GLY B 565 -33.23 11.12 3.82
N ALA B 566 -33.13 10.21 2.86
CA ALA B 566 -31.83 9.82 2.34
C ALA B 566 -31.11 10.99 1.69
N ASP B 567 -31.86 11.88 1.03
CA ASP B 567 -31.25 13.08 0.47
C ASP B 567 -30.55 13.89 1.57
N LYS B 568 -31.24 14.09 2.69
CA LYS B 568 -30.66 14.86 3.79
C LYS B 568 -29.38 14.22 4.29
N SER B 569 -29.39 12.90 4.50
CA SER B 569 -28.19 12.21 4.96
C SER B 569 -27.04 12.38 3.98
N PHE B 570 -27.33 12.26 2.68
CA PHE B 570 -26.31 12.47 1.66
C PHE B 570 -25.69 13.87 1.80
N TYR B 571 -26.53 14.89 1.87
CA TYR B 571 -26.00 16.26 1.94
C TYR B 571 -25.23 16.49 3.23
N GLU B 572 -25.70 15.94 4.35
CA GLU B 572 -24.97 16.08 5.60
C GLU B 572 -23.57 15.47 5.49
N GLY B 573 -23.46 14.34 4.78
CA GLY B 573 -22.16 13.73 4.59
C GLY B 573 -21.23 14.58 3.77
N LYS B 574 -21.77 15.36 2.81
CA LYS B 574 -20.93 16.23 2.01
C LYS B 574 -20.35 17.36 2.85
N ILE B 575 -21.15 17.93 3.75
CA ILE B 575 -20.64 18.97 4.63
C ILE B 575 -19.58 18.41 5.56
N ALA B 576 -19.80 17.21 6.10
CA ALA B 576 -18.83 16.61 7.01
C ALA B 576 -17.53 16.25 6.29
N ALA B 577 -17.64 15.77 5.05
CA ALA B 577 -16.44 15.42 4.30
C ALA B 577 -15.61 16.66 3.98
N ALA B 578 -16.26 17.72 3.51
CA ALA B 578 -15.53 18.95 3.19
C ALA B 578 -14.85 19.53 4.42
N SER B 579 -15.56 19.55 5.55
CA SER B 579 -14.97 20.08 6.78
C SER B 579 -13.83 19.19 7.26
N PHE B 580 -14.05 17.86 7.29
CA PHE B 580 -13.00 16.96 7.75
C PHE B 580 -11.75 17.09 6.88
N PHE B 581 -11.93 17.13 5.55
CA PHE B 581 -10.79 17.23 4.66
C PHE B 581 -10.01 18.52 4.89
N ALA B 582 -10.73 19.65 5.02
CA ALA B 582 -10.06 20.93 5.19
C ALA B 582 -9.27 20.98 6.48
N LYS B 583 -9.78 20.35 7.55
CA LYS B 583 -9.13 20.43 8.85
C LYS B 583 -8.02 19.39 9.02
N ASN B 584 -8.10 18.25 8.33
CA ASN B 584 -7.19 17.15 8.59
C ASN B 584 -6.20 16.88 7.46
N MET B 585 -6.48 17.30 6.23
CA MET B 585 -5.59 17.08 5.10
C MET B 585 -4.88 18.33 4.62
N LEU B 586 -5.59 19.45 4.53
CA LEU B 586 -5.04 20.64 3.91
C LEU B 586 -3.88 21.26 4.70
N PRO B 587 -3.92 21.30 6.04
CA PRO B 587 -2.85 21.98 6.77
C PRO B 587 -1.47 21.39 6.52
N LEU B 588 -1.39 20.12 6.13
CA LEU B 588 -0.10 19.50 5.87
C LEU B 588 0.64 20.17 4.72
N LEU B 589 -0.09 20.80 3.80
CA LEU B 589 0.56 21.44 2.66
C LEU B 589 1.48 22.57 3.11
N THR B 590 1.20 23.18 4.26
CA THR B 590 2.07 24.25 4.76
C THR B 590 3.46 23.70 5.06
N SER B 591 3.53 22.58 5.77
CA SER B 591 4.82 21.94 6.01
C SER B 591 5.46 21.49 4.71
N THR B 592 4.67 20.97 3.78
CA THR B 592 5.21 20.57 2.48
C THR B 592 5.78 21.76 1.72
N ARG B 593 5.10 22.91 1.78
CA ARG B 593 5.67 24.11 1.16
C ARG B 593 7.04 24.43 1.76
N GLN B 594 7.12 24.43 3.09
CA GLN B 594 8.38 24.76 3.74
C GLN B 594 9.47 23.77 3.37
N ILE B 595 9.12 22.50 3.24
CA ILE B 595 10.08 21.49 2.82
C ILE B 595 10.56 21.76 1.41
N ILE B 596 9.64 22.13 0.52
CA ILE B 596 10.02 22.42 -0.86
C ILE B 596 10.85 23.69 -0.94
N GLU B 597 10.53 24.69 -0.12
CA GLU B 597 11.31 25.91 -0.11
C GLU B 597 12.74 25.70 0.38
N ASN B 598 13.01 24.58 1.04
CA ASN B 598 14.32 24.30 1.61
C ASN B 598 15.03 23.14 0.93
N LEU B 599 14.57 22.70 -0.23
CA LEU B 599 15.23 21.62 -0.95
C LEU B 599 16.69 22.00 -1.22
N ASP B 600 17.57 21.00 -1.17
CA ASP B 600 18.96 21.18 -1.51
C ASP B 600 19.45 19.93 -2.23
N ASN B 601 20.65 20.02 -2.79
CA ASN B 601 21.18 18.98 -3.65
C ASN B 601 22.12 18.03 -2.93
N ASP B 602 22.15 18.05 -1.60
CA ASP B 602 22.98 17.11 -0.85
C ASP B 602 22.74 15.68 -1.31
N VAL B 603 21.47 15.31 -1.48
CA VAL B 603 21.14 13.94 -1.84
C VAL B 603 21.56 13.61 -3.28
N MET B 604 21.76 14.62 -4.13
CA MET B 604 22.27 14.40 -5.48
C MET B 604 23.79 14.33 -5.51
N GLU B 605 24.46 14.98 -4.55
CA GLU B 605 25.91 14.96 -4.49
C GLU B 605 26.45 13.71 -3.80
N LEU B 606 25.64 13.03 -3.00
CA LEU B 606 26.07 11.84 -2.30
C LEU B 606 26.58 10.78 -3.27
N ASP B 607 27.65 10.11 -2.87
CA ASP B 607 28.14 8.98 -3.66
C ASP B 607 27.11 7.87 -3.71
N GLU B 608 26.91 7.31 -4.90
CA GLU B 608 26.01 6.18 -5.06
C GLU B 608 26.36 5.05 -4.10
N ALA B 609 27.65 4.90 -3.79
CA ALA B 609 28.10 3.84 -2.89
C ALA B 609 27.62 4.04 -1.46
N ALA B 610 27.18 5.24 -1.11
CA ALA B 610 26.76 5.52 0.26
C ALA B 610 25.34 5.07 0.55
N PHE B 611 24.53 4.81 -0.48
CA PHE B 611 23.16 4.38 -0.26
C PHE B 611 23.12 2.98 0.35
PA FAD C . -11.79 -6.35 14.65
O1A FAD C . -11.53 -6.54 16.08
O2A FAD C . -13.20 -6.57 14.27
O5B FAD C . -11.35 -4.92 14.18
C5B FAD C . -12.02 -4.38 13.01
C4B FAD C . -11.64 -2.93 12.89
O4B FAD C . -12.18 -2.26 14.04
C3B FAD C . -10.14 -2.57 12.87
O3B FAD C . -9.94 -1.40 12.12
C2B FAD C . -9.84 -2.20 14.32
O2B FAD C . -8.69 -1.37 14.43
C1B FAD C . -11.17 -1.55 14.71
N9A FAD C . -11.51 -1.61 16.11
C8A FAD C . -11.98 -2.67 16.85
N7A FAD C . -12.14 -2.34 18.11
C5A FAD C . -11.72 -1.02 18.19
C6A FAD C . -11.63 -0.10 19.25
N6A FAD C . -11.96 -0.38 20.51
N1A FAD C . -11.16 1.13 18.95
C2A FAD C . -10.82 1.42 17.69
N3A FAD C . -10.89 0.64 16.62
C4A FAD C . -11.34 -0.57 16.95
N1 FAD C . -4.95 -13.99 16.81
C2 FAD C . -4.68 -15.04 17.58
O2 FAD C . -5.28 -15.24 18.62
N3 FAD C . -3.68 -15.83 17.35
C4 FAD C . -2.80 -15.69 16.32
O4 FAD C . -2.01 -16.60 16.13
C4X FAD C . -3.12 -14.67 15.37
N5 FAD C . -2.55 -14.65 14.17
C5X FAD C . -3.21 -13.95 13.16
C6 FAD C . -2.84 -14.13 11.84
C7 FAD C . -3.61 -13.63 10.80
C7M FAD C . -3.24 -13.98 9.39
C8 FAD C . -4.74 -12.83 11.09
C8M FAD C . -5.56 -12.20 9.99
C9 FAD C . -4.97 -12.46 12.39
C9A FAD C . -4.33 -13.16 13.44
N10 FAD C . -4.76 -13.05 14.74
C10 FAD C . -4.33 -13.93 15.66
C1' FAD C . -5.94 -12.22 15.05
C2' FAD C . -5.36 -10.87 15.44
O2' FAD C . -4.40 -11.07 16.45
C3' FAD C . -6.36 -9.81 15.89
O3' FAD C . -6.83 -10.09 17.21
C4' FAD C . -7.51 -9.72 14.90
O4' FAD C . -7.06 -10.08 13.60
C5' FAD C . -8.10 -8.34 14.87
O5' FAD C . -9.48 -8.54 15.21
P FAD C . -10.50 -8.83 14.05
O1P FAD C . -9.80 -9.49 12.94
O2P FAD C . -11.71 -9.50 14.53
O3P FAD C . -10.84 -7.30 13.80
H51A FAD C . -12.99 -4.46 13.12
H52A FAD C . -11.75 -4.86 12.21
H4B FAD C . -12.07 -2.57 12.08
H3B FAD C . -9.56 -3.32 12.55
HO3A FAD C . -10.69 -1.04 11.96
H2B FAD C . -9.70 -3.02 14.86
HO2A FAD C . -8.85 -0.62 14.05
H1B FAD C . -11.17 -0.61 14.42
H8A FAD C . -12.19 -3.52 16.51
H61A FAD C . -12.51 -1.04 20.67
H62A FAD C . -11.62 0.09 21.16
H2A FAD C . -10.52 2.30 17.54
HN3 FAD C . -3.57 -16.42 17.94
H6 FAD C . -2.16 -14.77 11.63
HM71 FAD C . -2.61 -14.72 9.39
HM72 FAD C . -2.86 -13.24 8.93
HM73 FAD C . -4.05 -14.26 8.91
HM81 FAD C . -6.47 -12.51 10.04
HM82 FAD C . -5.18 -12.44 9.13
HM83 FAD C . -5.54 -11.24 10.10
H9 FAD C . -5.80 -12.03 12.58
H1'1 FAD C . -6.45 -12.62 15.78
H1'2 FAD C . -6.51 -12.14 14.26
H2' FAD C . -4.89 -10.51 14.65
HO2' FAD C . -4.79 -11.27 17.17
H3' FAD C . -5.89 -8.94 15.91
HO3' FAD C . -7.31 -9.44 17.46
H4' FAD C . -8.22 -10.36 15.18
HO4' FAD C . -7.57 -10.67 13.26
H5'1 FAD C . -8.01 -7.94 13.98
H5'2 FAD C . -7.67 -7.75 15.52
S SO4 D . 1.45 27.34 16.59
O1 SO4 D . 0.73 28.38 15.86
O2 SO4 D . 1.84 27.83 17.90
O3 SO4 D . 0.57 26.18 16.75
O4 SO4 D . 2.64 26.95 15.84
S SO4 E . 16.55 -32.94 1.52
O1 SO4 E . 17.15 -32.37 0.32
O2 SO4 E . 15.16 -32.51 1.62
O3 SO4 E . 16.61 -34.39 1.43
O4 SO4 E . 17.28 -32.48 2.70
S SO4 F . -16.17 20.00 19.87
O1 SO4 F . -16.64 21.39 19.93
O2 SO4 F . -16.80 19.32 18.73
O3 SO4 F . -16.52 19.31 21.10
O4 SO4 F . -14.73 19.99 19.70
S SO4 G . 5.13 -30.19 -3.06
O1 SO4 G . 3.88 -29.57 -3.51
O2 SO4 G . 5.10 -30.30 -1.60
O3 SO4 G . 5.25 -31.52 -3.66
O4 SO4 G . 6.26 -29.37 -3.46
PA FAD H . 11.44 2.64 -16.07
O1A FAD H . 11.28 3.59 -17.18
O2A FAD H . 12.65 1.80 -16.14
O5B FAD H . 11.37 3.41 -14.68
C5B FAD H . 11.95 2.89 -13.45
C4B FAD H . 11.90 3.97 -12.39
O4B FAD H . 12.72 5.09 -12.79
C3B FAD H . 10.52 4.57 -12.08
O3B FAD H . 10.44 4.94 -10.73
C2B FAD H . 10.49 5.89 -12.87
O2B FAD H . 9.62 6.86 -12.33
C1B FAD H . 11.98 6.27 -12.80
N9A FAD H . 12.41 7.05 -13.93
C8A FAD H . 12.68 6.68 -15.22
N7A FAD H . 13.02 7.69 -15.98
C5A FAD H . 12.93 8.80 -15.15
C6A FAD H . 13.17 10.18 -15.35
N6A FAD H . 13.53 10.73 -16.49
N1A FAD H . 12.97 10.98 -14.27
C2A FAD H . 12.60 10.44 -13.11
N3A FAD H . 12.39 9.17 -12.81
C4A FAD H . 12.56 8.41 -13.89
N1 FAD H . 3.16 0.24 -22.19
C2 FAD H . 2.62 0.18 -23.41
O2 FAD H . 3.20 0.64 -24.39
N3 FAD H . 1.43 -0.27 -23.61
C4 FAD H . 0.58 -0.72 -22.65
O4 FAD H . -0.44 -1.23 -23.04
C4X FAD H . 1.12 -0.78 -21.35
N5 FAD H . 0.48 -1.48 -20.43
C5X FAD H . 1.21 -1.81 -19.31
C6 FAD H . 0.65 -2.67 -18.35
C7 FAD H . 1.38 -3.13 -17.29
C7M FAD H . 0.75 -4.11 -16.33
C8 FAD H . 2.72 -2.68 -17.11
C8M FAD H . 3.54 -3.12 -15.92
C9 FAD H . 3.19 -1.68 -17.90
C9A FAD H . 2.51 -1.32 -19.08
N10 FAD H . 3.09 -0.50 -20.04
C10 FAD H . 2.49 -0.33 -21.23
C1' FAD H . 4.47 -0.06 -19.87
C2' FAD H . 4.55 1.06 -18.87
O2' FAD H . 4.02 2.22 -19.47
C3' FAD H . 5.98 1.24 -18.33
O3' FAD H . 6.25 0.15 -17.52
C4' FAD H . 6.19 2.50 -17.48
O4' FAD H . 5.67 3.62 -18.17
C5' FAD H . 7.63 2.72 -17.05
O5' FAD H . 8.55 1.96 -17.85
P FAD H . 9.49 0.86 -17.19
O1P FAD H . 8.72 -0.25 -16.67
O2P FAD H . 10.55 0.52 -18.13
O3P FAD H . 10.16 1.70 -16.02
H51A FAD H . 12.89 2.62 -13.60
H52A FAD H . 11.45 2.10 -13.15
H4B FAD H . 12.26 3.59 -11.55
H3B FAD H . 9.76 3.98 -12.35
HO3A FAD H . 9.78 5.47 -10.63
H2B FAD H . 10.24 5.71 -13.80
HO2A FAD H . 9.23 7.25 -12.96
H1B FAD H . 12.14 6.78 -11.97
H8A FAD H . 12.64 5.79 -15.54
H61A FAD H . 14.11 11.39 -16.49
H62A FAD H . 13.20 10.44 -17.24
H2A FAD H . 12.49 11.04 -12.40
HN3 FAD H . 1.14 -0.20 -24.42
H6 FAD H . -0.21 -3.04 -18.53
HM71 FAD H . -0.19 -3.89 -16.23
HM72 FAD H . 1.21 -4.05 -15.47
HM73 FAD H . 0.84 -5.01 -16.69
HM81 FAD H . 4.37 -3.52 -16.24
HM82 FAD H . 3.73 -2.36 -15.36
HM83 FAD H . 3.04 -3.78 -15.41
H9 FAD H . 4.12 -1.45 -17.82
H1'1 FAD H . 4.99 -0.78 -19.58
H1'2 FAD H . 4.82 0.25 -20.73
H2' FAD H . 3.97 0.82 -18.10
HO2' FAD H . 3.58 2.66 -18.89
H3' FAD H . 6.62 1.26 -19.08
H4' FAD H . 5.65 2.39 -16.64
HO4' FAD H . 6.14 3.79 -18.87
H5'1 FAD H . 7.84 3.67 -17.13
H5'2 FAD H . 7.73 2.46 -16.11
S SO4 I . 6.79 30.31 6.52
O1 SO4 I . 7.08 30.94 5.23
O2 SO4 I . 6.26 31.33 7.44
O3 SO4 I . 5.80 29.26 6.35
O4 SO4 I . 8.01 29.75 7.08
S SO4 J . -23.89 -15.74 -23.01
O1 SO4 J . -23.16 -14.54 -23.39
O2 SO4 J . -25.23 -15.72 -23.59
O3 SO4 J . -23.17 -16.92 -23.47
O4 SO4 J . -24.01 -15.78 -21.55
S SO4 K . -12.53 -22.12 -17.76
O1 SO4 K . -12.26 -21.13 -18.78
O2 SO4 K . -13.52 -21.60 -16.81
O3 SO4 K . -13.06 -23.33 -18.37
O4 SO4 K . -11.30 -22.44 -17.04
#